data_8TPT
#
_entry.id   8TPT
#
_cell.length_a   1.00
_cell.length_b   1.00
_cell.length_c   1.00
_cell.angle_alpha   90.00
_cell.angle_beta   90.00
_cell.angle_gamma   90.00
#
_symmetry.space_group_name_H-M   'P 1'
#
loop_
_entity.id
_entity.type
_entity.pdbx_description
1 polymer 'Lipid scramblase nhTMEM16'
2 non-polymer 'CALCIUM ION'
3 non-polymer '(1R)-2-{[(S)-{[(2S)-2,3-dihydroxypropyl]oxy}(hydroxy)phosphoryl]oxy}-1-[(hexadecanoyloxy)methyl]ethyl (9Z)-octadec-9-enoate'
#
_entity_poly.entity_id   1
_entity_poly.type   'polypeptide(L)'
_entity_poly.pdbx_seq_one_letter_code
;GPSNLKDFSQPGSGQESNFGVDFVIHYKVPAAERDEAEAGFVQLIRALTTVGLATEVRHGENESLLVFVKVASPDLFAKQ
VYRARLGDWLHGVRVSAPHNDIAQALQDEPVVEAERLRLIYLMITKPHNEGGAGVTPTNAKWKHVESIFPLHSHSFNKEW
IKKWSSKYTLEQTDIDNIRDKFGESVAFYFAFLRSYFRFLVIPSAFGFGAWLLLGQFSYLYALLCGLWSVVFFEYWKKQE
VDLAVQWGVRGVSSIQQSRPEFEWEHEAEDPITGEPVKVYPPMKRVKTQLLQIPFALACVVALGALIVTCNSLEVFINEV
YSGPGKQYLGFLPTIFLVIGTPTISGVLMGAAEKLNAMENYATVDAHDAALIQKQFVLNFMTSYMALFFTAFVYIPFGHI
LHPFLNFWRATAQTLTFSEKELPTREFQINPARISNQMFYFTVTPQIVNFATEVVVPYIKQQAFQKAKQLKSGSKVQEDH
EEEAEFLQRVREECTLEEYDVSGDYREMVMQFGYVAMFSVAWPLAACCFLVNNWVELRSDALKIAISSRRPIPWRTDSIG
PWLTALSFLSWLGSITSSAIVYLCSNSKNGTQGEASPLKAWGLLLSILFAEHFYLVVQLAVRFVLSKLDSPGLQKERKER
FQTKKRLLQENLGQDAAEEAAAPGIEHSEKITREALEEEARQASIRGHGTPEEMFWQRQRGMQETIEIGRRMIEQQLAAG
KNGKKSAPAVPSEKASA
;
_entity_poly.pdbx_strand_id   A,B
#
loop_
_chem_comp.id
_chem_comp.type
_chem_comp.name
_chem_comp.formula
CA non-polymer 'CALCIUM ION' 'Ca 2'
PGW non-polymer '(1R)-2-{[(S)-{[(2S)-2,3-dihydroxypropyl]oxy}(hydroxy)phosphoryl]oxy}-1-[(hexadecanoyloxy)methyl]ethyl (9Z)-octadec-9-enoate' 'C40 H77 O10 P'
#
# COMPACT_ATOMS: atom_id res chain seq x y z
N SER A 17 20.57 -42.39 -10.06
CA SER A 17 19.70 -41.93 -8.99
C SER A 17 20.45 -41.89 -7.66
N ASN A 18 19.94 -41.08 -6.74
CA ASN A 18 20.55 -40.96 -5.42
C ASN A 18 20.36 -42.25 -4.62
N PHE A 19 21.12 -42.36 -3.53
CA PHE A 19 21.07 -43.54 -2.66
C PHE A 19 20.15 -43.32 -1.46
N GLY A 20 19.08 -42.56 -1.63
CA GLY A 20 18.20 -42.24 -0.53
C GLY A 20 18.73 -41.18 0.40
N VAL A 21 19.85 -40.56 0.07
CA VAL A 21 20.46 -39.54 0.91
C VAL A 21 19.60 -38.27 0.82
N ASP A 22 19.21 -37.74 1.97
CA ASP A 22 18.38 -36.55 1.99
C ASP A 22 19.19 -35.27 2.14
N PHE A 23 20.26 -35.30 2.94
CA PHE A 23 21.14 -34.15 3.06
C PHE A 23 22.59 -34.61 3.20
N VAL A 24 23.51 -33.71 2.88
CA VAL A 24 24.93 -34.02 2.81
C VAL A 24 25.70 -32.92 3.54
N ILE A 25 26.63 -33.32 4.39
CA ILE A 25 27.48 -32.38 5.13
C ILE A 25 28.94 -32.69 4.83
N HIS A 26 29.71 -31.64 4.57
CA HIS A 26 31.09 -31.78 4.12
C HIS A 26 32.02 -32.17 5.27
N TYR A 27 32.15 -31.28 6.26
CA TYR A 27 33.02 -31.47 7.43
C TYR A 27 34.45 -31.84 6.98
N LYS A 28 35.07 -30.88 6.30
CA LYS A 28 36.47 -31.06 5.94
C LYS A 28 37.36 -30.96 7.18
N VAL A 29 38.39 -31.80 7.22
CA VAL A 29 39.32 -31.84 8.32
C VAL A 29 40.73 -31.54 7.82
N PRO A 30 41.38 -30.50 8.32
CA PRO A 30 42.74 -30.18 7.86
C PRO A 30 43.76 -31.16 8.44
N ALA A 31 44.97 -31.10 7.90
CA ALA A 31 46.05 -31.94 8.42
C ALA A 31 46.35 -31.62 9.87
N ALA A 32 46.37 -30.34 10.22
CA ALA A 32 46.52 -29.93 11.61
C ALA A 32 45.15 -29.76 12.26
N GLU A 33 45.15 -29.41 13.54
CA GLU A 33 43.93 -29.17 14.31
C GLU A 33 43.03 -30.41 14.33
N ARG A 34 43.63 -31.61 14.25
CA ARG A 34 42.85 -32.84 14.24
C ARG A 34 42.31 -33.18 15.62
N ASP A 35 43.00 -32.76 16.68
CA ASP A 35 42.57 -33.08 18.04
C ASP A 35 41.19 -32.53 18.35
N GLU A 36 40.90 -31.28 17.98
CA GLU A 36 39.55 -30.75 18.12
C GLU A 36 38.65 -31.10 16.95
N ALA A 37 39.22 -31.47 15.80
CA ALA A 37 38.40 -31.91 14.67
C ALA A 37 37.67 -33.21 15.00
N GLU A 38 38.35 -34.14 15.67
CA GLU A 38 37.70 -35.38 16.07
C GLU A 38 36.58 -35.11 17.06
N ALA A 39 36.81 -34.20 18.02
CA ALA A 39 35.77 -33.86 18.97
C ALA A 39 34.57 -33.21 18.28
N GLY A 40 34.84 -32.32 17.32
CA GLY A 40 33.75 -31.75 16.55
C GLY A 40 32.97 -32.79 15.76
N PHE A 41 33.67 -33.76 15.17
CA PHE A 41 33.01 -34.82 14.41
C PHE A 41 32.12 -35.66 15.32
N VAL A 42 32.63 -36.05 16.49
CA VAL A 42 31.82 -36.88 17.38
C VAL A 42 30.65 -36.08 17.93
N GLN A 43 30.83 -34.78 18.21
CA GLN A 43 29.71 -33.95 18.65
C GLN A 43 28.66 -33.84 17.56
N LEU A 44 29.08 -33.65 16.31
CA LEU A 44 28.13 -33.57 15.20
C LEU A 44 27.36 -34.87 15.04
N ILE A 45 28.06 -36.01 15.12
CA ILE A 45 27.40 -37.30 14.99
C ILE A 45 26.40 -37.51 16.13
N ARG A 46 26.81 -37.17 17.35
CA ARG A 46 25.90 -37.33 18.49
C ARG A 46 24.67 -36.46 18.35
N ALA A 47 24.84 -35.20 17.93
CA ALA A 47 23.70 -34.32 17.75
C ALA A 47 22.77 -34.82 16.63
N LEU A 48 23.36 -35.30 15.53
CA LEU A 48 22.54 -35.77 14.41
C LEU A 48 21.81 -37.05 14.77
N THR A 49 22.38 -37.88 15.64
CA THR A 49 21.65 -39.04 16.14
C THR A 49 20.57 -38.63 17.14
N THR A 50 20.84 -37.63 17.97
CA THR A 50 19.86 -37.18 18.96
C THR A 50 18.63 -36.59 18.28
N VAL A 51 18.81 -35.77 17.25
CA VAL A 51 17.67 -35.16 16.58
C VAL A 51 16.84 -36.22 15.87
N GLY A 52 17.42 -37.37 15.55
CA GLY A 52 16.69 -38.45 14.92
C GLY A 52 16.94 -38.58 13.43
N LEU A 53 18.20 -38.53 13.03
CA LEU A 53 18.59 -38.69 11.64
C LEU A 53 19.61 -39.81 11.51
N ALA A 54 19.43 -40.66 10.50
CA ALA A 54 20.38 -41.72 10.22
C ALA A 54 21.59 -41.15 9.48
N THR A 55 22.79 -41.53 9.91
CA THR A 55 24.03 -40.96 9.42
C THR A 55 24.90 -42.04 8.80
N GLU A 56 25.66 -41.64 7.77
CA GLU A 56 26.61 -42.52 7.10
C GLU A 56 27.83 -41.71 6.70
N VAL A 57 29.00 -42.10 7.19
CA VAL A 57 30.23 -41.34 6.99
C VAL A 57 31.09 -42.06 5.95
N ARG A 58 31.63 -41.30 5.00
CA ARG A 58 32.53 -41.83 3.99
C ARG A 58 33.69 -40.85 3.79
N HIS A 59 34.74 -41.32 3.14
CA HIS A 59 35.87 -40.46 2.81
C HIS A 59 35.51 -39.54 1.66
N GLY A 60 36.21 -38.40 1.58
CA GLY A 60 36.02 -37.44 0.52
C GLY A 60 37.33 -36.87 0.02
N GLU A 61 37.20 -36.02 -0.99
CA GLU A 61 38.37 -35.41 -1.62
C GLU A 61 39.02 -34.41 -0.68
N ASN A 62 40.36 -34.36 -0.71
CA ASN A 62 41.15 -33.38 0.04
C ASN A 62 40.90 -33.48 1.55
N GLU A 63 40.98 -34.71 2.04
CA GLU A 63 40.95 -35.00 3.48
C GLU A 63 39.68 -34.45 4.13
N SER A 64 38.55 -35.03 3.73
CA SER A 64 37.25 -34.63 4.26
C SER A 64 36.46 -35.88 4.62
N LEU A 65 35.54 -35.71 5.57
CA LEU A 65 34.65 -36.79 6.02
C LEU A 65 33.23 -36.43 5.62
N LEU A 66 32.81 -36.94 4.46
CA LEU A 66 31.50 -36.60 3.91
C LEU A 66 30.44 -37.43 4.63
N VAL A 67 29.47 -36.77 5.26
CA VAL A 67 28.44 -37.45 6.04
C VAL A 67 27.09 -37.24 5.39
N PHE A 68 26.42 -38.34 5.06
CA PHE A 68 25.08 -38.34 4.48
C PHE A 68 24.08 -38.58 5.59
N VAL A 69 23.00 -37.81 5.61
CA VAL A 69 21.97 -37.91 6.64
C VAL A 69 20.61 -38.06 6.00
N LYS A 70 19.80 -38.95 6.56
CA LYS A 70 18.43 -39.19 6.14
C LYS A 70 17.56 -39.34 7.39
N VAL A 71 16.31 -39.74 7.19
CA VAL A 71 15.41 -40.01 8.31
C VAL A 71 15.08 -41.49 8.36
N SER A 73 13.45 -42.98 10.99
CA SER A 73 12.30 -42.88 11.87
C SER A 73 11.23 -41.98 11.27
N PRO A 74 10.37 -42.57 10.43
CA PRO A 74 9.30 -41.77 9.80
C PRO A 74 8.33 -41.14 10.79
N ASP A 75 8.18 -41.71 11.98
CA ASP A 75 7.27 -41.13 12.98
C ASP A 75 7.75 -39.75 13.42
N LEU A 76 9.06 -39.61 13.69
CA LEU A 76 9.59 -38.31 14.08
C LEU A 76 9.50 -37.32 12.94
N PHE A 77 9.73 -37.75 11.70
CA PHE A 77 9.57 -36.87 10.55
C PHE A 77 8.13 -36.39 10.42
N ALA A 78 7.16 -37.29 10.61
CA ALA A 78 5.76 -36.90 10.57
C ALA A 78 5.43 -35.92 11.70
N LYS A 79 5.99 -36.14 12.89
CA LYS A 79 5.77 -35.21 13.99
C LYS A 79 6.32 -33.82 13.65
N GLN A 80 7.52 -33.78 13.06
CA GLN A 80 8.09 -32.51 12.64
C GLN A 80 7.24 -31.84 11.56
N VAL A 81 6.72 -32.63 10.62
CA VAL A 81 5.84 -32.09 9.59
C VAL A 81 4.59 -31.49 10.22
N TYR A 82 3.99 -32.19 11.16
CA TYR A 82 2.80 -31.68 11.84
C TYR A 82 3.10 -30.41 12.62
N ARG A 83 4.24 -30.37 13.31
CA ARG A 83 4.62 -29.17 14.05
C ARG A 83 4.82 -27.98 13.11
N ALA A 84 5.48 -28.20 11.97
CA ALA A 84 5.68 -27.14 11.00
C ALA A 84 4.36 -26.66 10.40
N ARG A 85 3.45 -27.60 10.10
CA ARG A 85 2.14 -27.21 9.59
C ARG A 85 1.34 -26.42 10.61
N LEU A 86 1.42 -26.81 11.89
CA LEU A 86 0.76 -26.05 12.95
C LEU A 86 1.35 -24.66 13.06
N GLY A 87 2.68 -24.54 12.96
CA GLY A 87 3.30 -23.23 12.97
C GLY A 87 2.90 -22.37 11.80
N ASP A 88 2.76 -22.96 10.61
CA ASP A 88 2.28 -22.21 9.45
C ASP A 88 0.85 -21.76 9.65
N TRP A 89 -0.01 -22.63 10.18
CA TRP A 89 -1.37 -22.24 10.53
C TRP A 89 -1.39 -21.14 11.58
N LEU A 90 -0.37 -21.09 12.43
CA LEU A 90 -0.33 -20.13 13.53
C LEU A 90 -0.24 -18.70 13.00
N HIS A 91 0.56 -18.47 11.97
CA HIS A 91 0.78 -17.14 11.43
C HIS A 91 -0.17 -16.80 10.29
N GLY A 92 -1.15 -17.65 10.00
CA GLY A 92 -2.07 -17.42 8.91
C GLY A 92 -1.57 -17.84 7.56
N VAL A 93 -0.37 -18.44 7.48
CA VAL A 93 0.14 -18.93 6.20
C VAL A 93 -0.73 -20.05 5.66
N ARG A 94 -1.13 -20.98 6.52
CA ARG A 94 -1.97 -22.09 6.12
C ARG A 94 -3.40 -21.88 6.58
N VAL A 112 5.77 -33.90 -1.27
CA VAL A 112 6.54 -32.86 -1.95
C VAL A 112 7.98 -32.85 -1.44
N GLU A 113 8.93 -32.92 -2.38
CA GLU A 113 10.34 -32.98 -2.02
C GLU A 113 10.85 -31.69 -1.40
N ALA A 114 10.39 -30.55 -1.89
CA ALA A 114 10.89 -29.27 -1.40
C ALA A 114 10.58 -29.07 0.08
N GLU A 115 9.33 -29.35 0.49
CA GLU A 115 8.96 -29.19 1.89
C GLU A 115 9.71 -30.16 2.78
N ARG A 116 9.87 -31.42 2.32
CA ARG A 116 10.59 -32.41 3.11
C ARG A 116 12.04 -31.99 3.30
N LEU A 117 12.70 -31.53 2.23
CA LEU A 117 14.08 -31.07 2.35
C LEU A 117 14.18 -29.84 3.24
N ARG A 118 13.24 -28.90 3.12
CA ARG A 118 13.29 -27.72 3.98
C ARG A 118 13.13 -28.10 5.45
N LEU A 119 12.24 -29.04 5.75
CA LEU A 119 12.05 -29.45 7.14
C LEU A 119 13.25 -30.21 7.68
N ILE A 120 13.89 -31.05 6.84
CA ILE A 120 15.11 -31.72 7.28
C ILE A 120 16.21 -30.69 7.54
N TYR A 121 16.32 -29.68 6.67
CA TYR A 121 17.30 -28.63 6.89
C TYR A 121 17.02 -27.85 8.17
N LEU A 122 15.74 -27.58 8.46
CA LEU A 122 15.40 -26.92 9.71
C LEU A 122 15.76 -27.77 10.91
N MET A 123 15.50 -29.07 10.85
CA MET A 123 15.89 -29.96 11.94
C MET A 123 17.40 -29.98 12.12
N ILE A 124 18.15 -29.93 11.03
CA ILE A 124 19.61 -29.92 11.10
C ILE A 124 20.12 -28.60 11.67
N THR A 125 19.50 -27.49 11.30
CA THR A 125 20.04 -26.16 11.55
C THR A 125 19.53 -25.53 12.83
N LYS A 126 18.24 -25.69 13.14
CA LYS A 126 17.65 -24.99 14.27
C LYS A 126 18.29 -25.44 15.57
N PRO A 127 18.47 -24.54 16.53
CA PRO A 127 19.12 -24.90 17.79
C PRO A 127 18.25 -25.81 18.64
N HIS A 128 18.84 -26.28 19.74
CA HIS A 128 18.15 -27.18 20.66
C HIS A 128 16.96 -26.52 21.35
N ASN A 129 16.87 -25.18 21.33
CA ASN A 129 15.77 -24.52 22.00
C ASN A 129 14.43 -24.86 21.34
N GLU A 130 14.38 -24.91 20.01
CA GLU A 130 13.14 -25.16 19.28
C GLU A 130 13.37 -26.28 18.26
N GLY A 131 13.20 -27.52 18.72
CA GLY A 131 13.16 -28.68 17.85
C GLY A 131 14.28 -28.80 16.83
N GLY A 132 15.50 -29.00 17.28
CA GLY A 132 16.61 -29.17 16.35
C GLY A 132 17.90 -29.40 17.10
N ALA A 133 18.97 -29.59 16.33
CA ALA A 133 20.33 -29.74 16.87
C ALA A 133 21.24 -28.85 16.03
N GLY A 134 21.37 -27.59 16.45
CA GLY A 134 22.09 -26.59 15.68
C GLY A 134 23.52 -26.94 15.35
N VAL A 135 23.78 -27.20 14.06
CA VAL A 135 25.13 -27.51 13.59
C VAL A 135 25.52 -26.52 12.51
N THR A 136 25.01 -25.30 12.61
CA THR A 136 25.38 -24.26 11.66
C THR A 136 26.88 -23.97 11.75
N PRO A 137 27.55 -23.74 10.62
CA PRO A 137 29.02 -23.64 10.64
C PRO A 137 29.55 -22.40 11.37
N THR A 138 28.98 -21.23 11.07
CA THR A 138 29.58 -19.99 11.54
C THR A 138 29.32 -19.71 13.02
N ASN A 139 28.20 -20.18 13.56
CA ASN A 139 27.77 -19.72 14.87
C ASN A 139 28.49 -20.45 16.00
N ALA A 140 28.29 -21.76 16.10
CA ALA A 140 28.72 -22.52 17.27
C ALA A 140 30.13 -23.06 17.06
N LYS A 141 30.56 -23.94 17.97
CA LYS A 141 31.88 -24.55 17.88
C LYS A 141 31.98 -25.51 16.70
N TRP A 142 30.85 -25.91 16.11
CA TRP A 142 30.85 -26.78 14.94
C TRP A 142 31.22 -25.93 13.72
N LYS A 143 32.48 -25.48 13.70
CA LYS A 143 32.98 -24.63 12.63
C LYS A 143 33.75 -25.38 11.56
N HIS A 144 33.95 -26.69 11.72
CA HIS A 144 34.67 -27.48 10.73
C HIS A 144 33.78 -27.94 9.57
N VAL A 145 32.47 -27.67 9.64
CA VAL A 145 31.58 -27.94 8.51
C VAL A 145 31.59 -26.75 7.57
N GLU A 146 31.65 -27.03 6.27
CA GLU A 146 31.63 -25.98 5.25
C GLU A 146 30.26 -25.74 4.67
N SER A 147 29.50 -26.79 4.37
CA SER A 147 28.20 -26.64 3.74
C SER A 147 27.32 -27.84 4.05
N ILE A 148 26.00 -27.59 4.11
CA ILE A 148 25.00 -28.64 4.27
C ILE A 148 24.04 -28.49 3.09
N PHE A 149 24.14 -29.42 2.13
CA PHE A 149 23.40 -29.28 0.89
C PHE A 149 22.76 -30.60 0.47
N PRO A 150 21.63 -30.54 -0.23
CA PRO A 150 21.02 -31.77 -0.75
C PRO A 150 21.68 -32.20 -2.06
N LEU A 151 21.25 -33.36 -2.55
CA LEU A 151 21.84 -33.94 -3.74
C LEU A 151 20.95 -33.73 -4.95
N HIS A 152 21.57 -33.39 -6.07
CA HIS A 152 20.86 -33.22 -7.33
C HIS A 152 20.37 -34.56 -7.86
N SER A 153 19.18 -34.56 -8.46
CA SER A 153 18.63 -35.73 -9.12
C SER A 153 18.91 -35.60 -10.62
N HIS A 154 19.85 -36.39 -11.12
CA HIS A 154 20.23 -36.29 -12.52
C HIS A 154 19.10 -36.68 -13.47
N SER A 155 18.32 -37.71 -13.11
CA SER A 155 17.21 -38.13 -13.94
C SER A 155 16.16 -37.03 -14.10
N PHE A 156 15.81 -36.33 -13.02
CA PHE A 156 14.92 -35.19 -13.13
C PHE A 156 15.55 -34.05 -13.89
N ASN A 157 16.84 -33.79 -13.66
CA ASN A 157 17.51 -32.64 -14.25
C ASN A 157 17.58 -32.77 -15.77
N LYS A 158 17.97 -33.93 -16.29
CA LYS A 158 18.08 -34.10 -17.73
C LYS A 158 16.72 -33.98 -18.42
N GLU A 159 15.68 -34.58 -17.83
CA GLU A 159 14.34 -34.46 -18.41
C GLU A 159 13.84 -33.03 -18.35
N TRP A 160 14.12 -32.30 -17.26
CA TRP A 160 13.73 -30.90 -17.16
C TRP A 160 14.42 -30.07 -18.24
N ILE A 161 15.72 -30.29 -18.44
CA ILE A 161 16.45 -29.54 -19.46
C ILE A 161 15.90 -29.85 -20.85
N LYS A 162 15.66 -31.13 -21.14
CA LYS A 162 15.14 -31.50 -22.44
C LYS A 162 13.75 -30.91 -22.69
N LYS A 163 12.88 -30.97 -21.67
CA LYS A 163 11.53 -30.42 -21.82
C LYS A 163 11.56 -28.91 -22.02
N TRP A 164 12.41 -28.20 -21.28
CA TRP A 164 12.45 -26.75 -21.42
C TRP A 164 13.16 -26.30 -22.70
N SER A 165 14.07 -27.11 -23.24
CA SER A 165 14.71 -26.77 -24.50
C SER A 165 13.90 -27.17 -25.71
N SER A 166 13.03 -28.16 -25.59
CA SER A 166 12.20 -28.61 -26.71
C SER A 166 10.89 -27.85 -26.83
N LYS A 167 10.58 -26.95 -25.90
CA LYS A 167 9.35 -26.20 -25.91
C LYS A 167 9.61 -24.76 -26.34
N TYR A 168 8.54 -24.08 -26.79
CA TYR A 168 8.58 -22.67 -27.11
C TYR A 168 8.16 -21.80 -25.93
N THR A 169 7.03 -22.13 -25.31
CA THR A 169 6.55 -21.46 -24.10
C THR A 169 6.51 -22.45 -22.95
N LEU A 170 6.38 -21.91 -21.74
CA LEU A 170 6.35 -22.71 -20.52
C LEU A 170 4.99 -22.56 -19.85
N GLU A 171 4.35 -23.70 -19.58
CA GLU A 171 3.08 -23.69 -18.88
C GLU A 171 3.30 -23.51 -17.38
N GLN A 172 2.20 -23.29 -16.66
CA GLN A 172 2.27 -23.17 -15.21
C GLN A 172 2.68 -24.48 -14.56
N THR A 173 2.49 -25.61 -15.23
CA THR A 173 2.88 -26.89 -14.66
C THR A 173 4.40 -27.01 -14.53
N ASP A 174 5.15 -26.41 -15.45
CA ASP A 174 6.61 -26.43 -15.33
C ASP A 174 7.06 -25.65 -14.10
N ILE A 175 6.48 -24.47 -13.87
CA ILE A 175 6.82 -23.70 -12.68
C ILE A 175 6.38 -24.44 -11.42
N ASP A 176 5.24 -25.14 -11.48
CA ASP A 176 4.82 -25.94 -10.33
C ASP A 176 5.80 -27.08 -10.04
N ASN A 177 6.30 -27.74 -11.08
CA ASN A 177 7.31 -28.77 -10.87
C ASN A 177 8.59 -28.18 -10.28
N ILE A 178 8.99 -27.00 -10.75
CA ILE A 178 10.15 -26.33 -10.17
C ILE A 178 9.92 -26.02 -8.70
N ARG A 179 8.70 -25.60 -8.35
CA ARG A 179 8.37 -25.34 -6.95
C ARG A 179 8.44 -26.63 -6.13
N ASP A 180 7.91 -27.72 -6.67
CA ASP A 180 7.93 -28.98 -5.94
C ASP A 180 9.34 -29.51 -5.73
N LYS A 181 10.24 -29.28 -6.68
CA LYS A 181 11.58 -29.84 -6.59
C LYS A 181 12.59 -28.93 -5.90
N PHE A 182 12.72 -27.67 -6.33
CA PHE A 182 13.78 -26.80 -5.85
C PHE A 182 13.30 -25.73 -4.88
N GLY A 183 12.05 -25.80 -4.42
CA GLY A 183 11.56 -24.84 -3.46
C GLY A 183 10.83 -23.68 -4.10
N GLU A 184 10.45 -22.73 -3.25
CA GLU A 184 9.63 -21.61 -3.67
C GLU A 184 10.41 -20.42 -4.20
N SER A 185 11.65 -20.23 -3.75
CA SER A 185 12.44 -19.09 -4.22
C SER A 185 12.84 -19.25 -5.67
N VAL A 186 13.38 -20.43 -6.03
CA VAL A 186 13.76 -20.68 -7.42
C VAL A 186 12.54 -20.65 -8.32
N ALA A 187 11.43 -21.24 -7.87
CA ALA A 187 10.21 -21.23 -8.65
C ALA A 187 9.68 -19.81 -8.84
N PHE A 188 9.76 -18.99 -7.79
CA PHE A 188 9.32 -17.61 -7.92
C PHE A 188 10.20 -16.84 -8.90
N TYR A 189 11.51 -17.06 -8.86
CA TYR A 189 12.38 -16.41 -9.84
C TYR A 189 12.03 -16.84 -11.25
N PHE A 190 11.80 -18.13 -11.47
CA PHE A 190 11.50 -18.59 -12.82
C PHE A 190 10.13 -18.10 -13.29
N ALA A 191 9.15 -18.01 -12.38
CA ALA A 191 7.86 -17.44 -12.75
C ALA A 191 8.00 -15.96 -13.11
N PHE A 192 8.80 -15.22 -12.34
CA PHE A 192 9.05 -13.82 -12.66
C PHE A 192 9.74 -13.69 -14.02
N LEU A 193 10.70 -14.55 -14.30
CA LEU A 193 11.39 -14.51 -15.59
C LEU A 193 10.44 -14.83 -16.73
N ARG A 194 9.56 -15.82 -16.55
CA ARG A 194 8.59 -16.16 -17.58
C ARG A 194 7.62 -15.00 -17.82
N SER A 195 7.11 -14.39 -16.75
CA SER A 195 6.22 -13.25 -16.90
C SER A 195 6.91 -12.07 -17.57
N TYR A 196 8.16 -11.80 -17.19
CA TYR A 196 8.92 -10.72 -17.81
C TYR A 196 9.15 -10.98 -19.30
N PHE A 197 9.50 -12.22 -19.65
CA PHE A 197 9.71 -12.57 -21.05
C PHE A 197 8.42 -12.46 -21.85
N ARG A 198 7.30 -12.87 -21.27
CA ARG A 198 6.03 -12.78 -21.99
C ARG A 198 5.54 -11.34 -22.11
N PHE A 199 5.81 -10.50 -21.11
CA PHE A 199 5.46 -9.09 -21.20
C PHE A 199 6.42 -8.29 -22.06
N LEU A 200 7.61 -8.82 -22.33
CA LEU A 200 8.56 -8.13 -23.19
C LEU A 200 8.19 -8.17 -24.66
N VAL A 201 7.13 -8.88 -25.03
CA VAL A 201 6.71 -8.90 -26.42
C VAL A 201 6.12 -7.55 -26.83
N ILE A 202 5.32 -6.93 -25.97
CA ILE A 202 4.63 -5.68 -26.31
C ILE A 202 5.65 -4.57 -26.53
N PRO A 203 6.57 -4.29 -25.60
CA PRO A 203 7.62 -3.29 -25.88
C PRO A 203 8.49 -3.64 -27.06
N SER A 204 8.78 -4.92 -27.29
CA SER A 204 9.48 -5.30 -28.51
C SER A 204 8.67 -4.95 -29.75
N ALA A 205 7.37 -5.21 -29.71
CA ALA A 205 6.51 -4.96 -30.86
C ALA A 205 6.47 -3.47 -31.19
N PHE A 206 6.16 -2.62 -30.21
CA PHE A 206 6.07 -1.21 -30.58
C PHE A 206 7.43 -0.53 -30.66
N GLY A 207 8.49 -1.14 -30.12
CA GLY A 207 9.84 -0.66 -30.37
C GLY A 207 10.23 -0.89 -31.81
N PHE A 208 9.93 -2.07 -32.34
CA PHE A 208 10.14 -2.30 -33.76
C PHE A 208 9.28 -1.39 -34.61
N GLY A 209 8.04 -1.15 -34.19
CA GLY A 209 7.19 -0.22 -34.92
C GLY A 209 7.76 1.18 -34.96
N ALA A 210 8.23 1.68 -33.81
CA ALA A 210 8.83 3.00 -33.74
C ALA A 210 10.14 3.09 -34.50
N TRP A 211 10.99 2.08 -34.41
CA TRP A 211 12.26 2.05 -35.13
C TRP A 211 12.06 2.02 -36.64
N LEU A 212 11.05 1.28 -37.11
CA LEU A 212 10.79 1.22 -38.55
C LEU A 212 10.12 2.48 -39.07
N LEU A 213 9.21 3.08 -38.28
CA LEU A 213 8.38 4.18 -38.78
C LEU A 213 8.60 5.49 -38.03
N LEU A 214 8.51 5.48 -36.71
CA LEU A 214 8.44 6.72 -35.94
C LEU A 214 9.74 7.51 -35.94
N GLY A 215 10.85 6.94 -36.38
CA GLY A 215 12.11 7.64 -36.37
C GLY A 215 12.77 7.63 -35.00
N GLN A 216 13.86 8.39 -34.90
CA GLN A 216 14.66 8.40 -33.69
C GLN A 216 14.02 9.27 -32.61
N PHE A 217 14.06 8.78 -31.37
CA PHE A 217 13.64 9.53 -30.18
C PHE A 217 12.19 9.98 -30.29
N SER A 218 11.31 8.98 -30.33
CA SER A 218 9.87 9.22 -30.40
C SER A 218 9.29 9.37 -29.00
N TYR A 219 8.58 10.47 -28.78
CA TYR A 219 7.92 10.69 -27.48
C TYR A 219 6.83 9.67 -27.24
N LEU A 220 6.10 9.29 -28.29
CA LEU A 220 5.07 8.27 -28.16
C LEU A 220 5.65 6.95 -27.68
N TYR A 221 6.85 6.59 -28.16
CA TYR A 221 7.50 5.38 -27.68
C TYR A 221 7.82 5.48 -26.19
N ALA A 222 8.27 6.65 -25.72
CA ALA A 222 8.54 6.82 -24.31
C ALA A 222 7.27 6.67 -23.47
N LEU A 223 6.16 7.26 -23.94
CA LEU A 223 4.90 7.12 -23.22
C LEU A 223 4.45 5.66 -23.17
N LEU A 224 4.54 4.96 -24.30
CA LEU A 224 4.16 3.55 -24.31
C LEU A 224 5.09 2.71 -23.44
N CYS A 225 6.38 3.04 -23.39
CA CYS A 225 7.31 2.30 -22.53
C CYS A 225 6.96 2.50 -21.07
N GLY A 226 6.64 3.74 -20.67
CA GLY A 226 6.21 3.97 -19.29
C GLY A 226 4.92 3.23 -18.96
N LEU A 227 3.96 3.27 -19.88
CA LEU A 227 2.70 2.56 -19.65
C LEU A 227 2.94 1.06 -19.51
N TRP A 228 3.79 0.50 -20.37
CA TRP A 228 4.09 -0.93 -20.28
C TRP A 228 4.81 -1.27 -18.99
N SER A 229 5.73 -0.41 -18.54
CA SER A 229 6.40 -0.67 -17.27
C SER A 229 5.39 -0.70 -16.12
N VAL A 230 4.47 0.26 -16.10
CA VAL A 230 3.44 0.28 -15.05
C VAL A 230 2.58 -0.98 -15.12
N VAL A 231 2.14 -1.34 -16.32
CA VAL A 231 1.26 -2.49 -16.48
C VAL A 231 1.96 -3.77 -16.06
N PHE A 232 3.21 -3.95 -16.49
CA PHE A 232 3.95 -5.15 -16.13
C PHE A 232 4.19 -5.22 -14.63
N PHE A 233 4.55 -4.10 -14.00
CA PHE A 233 4.80 -4.13 -12.56
C PHE A 233 3.55 -4.50 -11.79
N GLU A 234 2.41 -3.86 -12.11
CA GLU A 234 1.19 -4.14 -11.38
C GLU A 234 0.69 -5.56 -11.66
N TYR A 235 0.75 -6.01 -12.91
CA TYR A 235 0.29 -7.37 -13.22
C TYR A 235 1.20 -8.41 -12.58
N TRP A 236 2.51 -8.12 -12.48
CA TRP A 236 3.38 -9.04 -11.76
C TRP A 236 3.07 -9.06 -10.27
N LYS A 237 2.70 -7.93 -9.68
CA LYS A 237 2.26 -7.96 -8.29
C LYS A 237 1.03 -8.85 -8.12
N LYS A 238 0.06 -8.70 -9.03
CA LYS A 238 -1.14 -9.53 -8.96
C LYS A 238 -0.82 -11.00 -9.14
N GLN A 239 0.02 -11.33 -10.13
CA GLN A 239 0.42 -12.71 -10.36
C GLN A 239 1.22 -13.27 -9.19
N GLU A 240 2.02 -12.44 -8.55
CA GLU A 240 2.76 -12.85 -7.36
C GLU A 240 1.83 -13.20 -6.23
N VAL A 241 0.80 -12.39 -6.00
CA VAL A 241 -0.19 -12.71 -4.97
C VAL A 241 -0.90 -14.02 -5.32
N ASP A 242 -1.27 -14.19 -6.59
CA ASP A 242 -1.95 -15.41 -7.01
C ASP A 242 -1.07 -16.64 -6.80
N LEU A 243 0.21 -16.55 -7.16
CA LEU A 243 1.13 -17.67 -6.98
C LEU A 243 1.36 -17.98 -5.51
N ALA A 244 1.49 -16.94 -4.67
CA ALA A 244 1.65 -17.17 -3.24
C ALA A 244 0.43 -17.86 -2.65
N VAL A 245 -0.77 -17.47 -3.08
CA VAL A 245 -1.98 -18.16 -2.63
C VAL A 245 -1.99 -19.60 -3.12
N GLN A 246 -1.62 -19.82 -4.37
CA GLN A 246 -1.68 -21.17 -4.96
C GLN A 246 -0.70 -22.11 -4.26
N TRP A 247 0.51 -21.64 -3.97
CA TRP A 247 1.53 -22.48 -3.37
C TRP A 247 1.43 -22.57 -1.86
N GLY A 248 0.46 -21.88 -1.25
CA GLY A 248 0.34 -21.90 0.19
C GLY A 248 1.50 -21.24 0.91
N VAL A 249 2.08 -20.19 0.33
CA VAL A 249 3.19 -19.48 0.94
C VAL A 249 2.81 -18.01 1.13
N ARG A 250 1.52 -17.77 1.37
CA ARG A 250 1.03 -16.40 1.58
C ARG A 250 1.30 -16.00 3.01
N GLY A 251 2.18 -15.03 3.21
CA GLY A 251 2.50 -14.52 4.52
C GLY A 251 3.79 -15.01 5.15
N VAL A 252 4.61 -15.78 4.43
CA VAL A 252 5.89 -16.22 4.97
C VAL A 252 6.82 -15.05 5.23
N SER A 253 6.67 -13.95 4.48
CA SER A 253 7.50 -12.78 4.70
C SER A 253 7.31 -12.20 6.09
N SER A 254 6.13 -12.37 6.69
CA SER A 254 5.89 -11.88 8.04
C SER A 254 6.57 -12.73 9.10
N ILE A 255 6.99 -13.94 8.76
CA ILE A 255 7.70 -14.81 9.70
C ILE A 255 9.16 -14.37 9.76
N GLN A 256 9.60 -13.98 10.95
CA GLN A 256 10.97 -13.51 11.16
C GLN A 256 11.85 -14.71 11.50
N GLN A 257 12.92 -14.89 10.73
CA GLN A 257 13.86 -15.98 10.96
C GLN A 257 15.18 -15.39 11.47
N SER A 258 15.61 -15.85 12.63
CA SER A 258 16.83 -15.35 13.24
C SER A 258 18.07 -15.85 12.49
N ARG A 259 19.08 -14.99 12.41
CA ARG A 259 20.33 -15.33 11.76
C ARG A 259 21.26 -16.05 12.74
N PRO A 260 21.73 -17.25 12.38
CA PRO A 260 22.65 -17.96 13.28
C PRO A 260 23.93 -17.19 13.55
N GLU A 261 24.42 -16.44 12.58
CA GLU A 261 25.68 -15.71 12.72
C GLU A 261 25.50 -14.34 13.35
N PHE A 262 24.28 -13.99 13.75
CA PHE A 262 24.05 -12.72 14.41
C PHE A 262 24.73 -12.69 15.77
N GLU A 263 25.47 -11.61 16.03
CA GLU A 263 26.20 -11.44 17.28
C GLU A 263 25.49 -10.38 18.13
N TRP A 264 25.20 -10.74 19.38
CA TRP A 264 24.52 -9.86 20.30
C TRP A 264 25.44 -9.52 21.48
N GLU A 265 24.96 -8.64 22.34
CA GLU A 265 25.68 -8.24 23.54
C GLU A 265 24.91 -8.50 24.83
N HIS A 266 23.59 -8.29 24.81
CA HIS A 266 22.75 -8.52 25.98
C HIS A 266 21.53 -9.32 25.55
N GLU A 267 20.76 -9.78 26.53
CA GLU A 267 19.54 -10.55 26.27
C GLU A 267 18.45 -10.06 27.19
N ALA A 268 17.29 -9.74 26.62
CA ALA A 268 16.17 -9.24 27.41
C ALA A 268 14.83 -9.64 26.77
N LYS A 278 18.04 -11.93 22.48
CA LYS A 278 19.23 -11.37 21.85
C LYS A 278 18.96 -9.96 21.34
N VAL A 279 19.69 -8.99 21.88
CA VAL A 279 19.51 -7.59 21.51
C VAL A 279 20.86 -7.02 21.09
N TYR A 280 20.81 -6.06 20.17
CA TYR A 280 21.99 -5.36 19.69
C TYR A 280 21.73 -3.85 19.72
N PRO A 281 22.67 -3.07 20.23
CA PRO A 281 22.46 -1.62 20.31
C PRO A 281 22.30 -1.02 18.93
N PRO A 282 21.16 -0.39 18.65
CA PRO A 282 20.95 0.22 17.33
C PRO A 282 21.94 1.31 17.00
N MET A 283 22.56 1.94 18.00
CA MET A 283 23.56 2.97 17.72
C MET A 283 24.77 2.38 17.00
N LYS A 284 25.22 1.20 17.42
CA LYS A 284 26.34 0.55 16.74
C LYS A 284 25.98 0.20 15.30
N ARG A 285 24.76 -0.31 15.07
CA ARG A 285 24.33 -0.63 13.72
C ARG A 285 24.25 0.62 12.85
N VAL A 286 23.77 1.73 13.41
CA VAL A 286 23.71 2.98 12.65
C VAL A 286 25.12 3.48 12.34
N LYS A 287 26.04 3.36 13.30
CA LYS A 287 27.42 3.75 13.05
C LYS A 287 28.04 2.92 11.92
N THR A 288 27.80 1.61 11.92
CA THR A 288 28.29 0.76 10.84
C THR A 288 27.63 1.10 9.51
N GLN A 289 26.33 1.39 9.52
CA GLN A 289 25.62 1.73 8.30
C GLN A 289 26.12 3.04 7.69
N LEU A 290 26.49 4.01 8.55
CA LEU A 290 26.99 5.28 8.05
C LEU A 290 28.28 5.15 7.27
N LEU A 291 29.00 4.03 7.42
CA LEU A 291 30.19 3.78 6.62
C LEU A 291 29.85 3.58 5.14
N GLN A 292 28.59 3.26 4.83
CA GLN A 292 28.19 3.07 3.45
C GLN A 292 28.29 4.36 2.64
N ILE A 293 27.96 5.50 3.25
CA ILE A 293 27.91 6.78 2.55
C ILE A 293 29.28 7.15 1.97
N PRO A 294 30.37 7.14 2.75
CA PRO A 294 31.69 7.36 2.11
C PRO A 294 32.04 6.29 1.11
N PHE A 295 31.65 5.03 1.35
CA PHE A 295 31.91 3.98 0.37
C PHE A 295 31.17 4.25 -0.93
N ALA A 296 29.89 4.64 -0.84
CA ALA A 296 29.13 4.96 -2.03
C ALA A 296 29.71 6.16 -2.76
N LEU A 297 30.13 7.18 -2.01
CA LEU A 297 30.73 8.36 -2.64
C LEU A 297 32.04 8.02 -3.33
N ALA A 298 32.88 7.19 -2.71
CA ALA A 298 34.13 6.78 -3.33
C ALA A 298 33.87 5.97 -4.60
N CYS A 299 32.92 5.04 -4.55
CA CYS A 299 32.57 4.27 -5.74
C CYS A 299 32.05 5.18 -6.85
N VAL A 300 31.20 6.15 -6.49
CA VAL A 300 30.67 7.08 -7.48
C VAL A 300 31.80 7.87 -8.12
N VAL A 301 32.73 8.38 -7.30
CA VAL A 301 33.83 9.18 -7.84
C VAL A 301 34.71 8.34 -8.77
N ALA A 302 35.06 7.13 -8.33
CA ALA A 302 35.93 6.28 -9.14
C ALA A 302 35.27 5.91 -10.46
N LEU A 303 34.02 5.45 -10.41
CA LEU A 303 33.32 5.08 -11.64
C LEU A 303 33.13 6.29 -12.55
N GLY A 304 32.75 7.43 -11.99
CA GLY A 304 32.56 8.61 -12.81
C GLY A 304 33.85 9.04 -13.49
N ALA A 305 34.96 9.02 -12.77
CA ALA A 305 36.24 9.35 -13.39
C ALA A 305 36.58 8.36 -14.51
N LEU A 306 36.37 7.07 -14.27
CA LEU A 306 36.70 6.08 -15.29
C LEU A 306 35.86 6.28 -16.54
N ILE A 307 34.55 6.49 -16.38
CA ILE A 307 33.70 6.70 -17.55
C ILE A 307 34.02 8.03 -18.23
N VAL A 308 34.38 9.05 -17.46
CA VAL A 308 34.76 10.32 -18.09
C VAL A 308 35.98 10.14 -18.97
N THR A 309 37.01 9.44 -18.47
CA THR A 309 38.19 9.19 -19.30
C THR A 309 37.85 8.35 -20.52
N CYS A 310 37.02 7.30 -20.35
CA CYS A 310 36.68 6.46 -21.49
C CYS A 310 35.88 7.24 -22.54
N ASN A 311 34.93 8.06 -22.11
CA ASN A 311 34.12 8.83 -23.06
C ASN A 311 34.99 9.87 -23.76
N SER A 312 35.90 10.52 -23.03
CA SER A 312 36.81 11.46 -23.67
C SER A 312 37.69 10.77 -24.70
N LEU A 313 38.20 9.58 -24.37
CA LEU A 313 39.02 8.84 -25.31
C LEU A 313 38.23 8.45 -26.56
N GLU A 314 37.00 7.98 -26.38
CA GLU A 314 36.19 7.60 -27.54
C GLU A 314 35.83 8.80 -28.40
N VAL A 315 35.55 9.95 -27.78
CA VAL A 315 35.29 11.16 -28.54
C VAL A 315 36.54 11.56 -29.32
N PHE A 316 37.71 11.47 -28.69
CA PHE A 316 38.95 11.84 -29.36
C PHE A 316 39.21 10.95 -30.56
N ILE A 317 39.03 9.63 -30.42
CA ILE A 317 39.28 8.76 -31.56
C ILE A 317 38.23 8.97 -32.65
N ASN A 318 36.97 9.18 -32.28
CA ASN A 318 35.94 9.47 -33.28
C ASN A 318 36.19 10.78 -34.02
N GLU A 319 36.79 11.78 -33.37
CA GLU A 319 37.05 13.07 -33.98
C GLU A 319 38.47 13.21 -34.51
N VAL A 320 39.30 12.18 -34.42
CA VAL A 320 40.68 12.26 -34.88
C VAL A 320 40.94 11.18 -35.92
N TYR A 321 40.67 9.92 -35.55
CA TYR A 321 40.92 8.80 -36.43
C TYR A 321 39.71 8.53 -37.32
N SER A 322 39.99 8.04 -38.53
CA SER A 322 38.94 7.72 -39.49
C SER A 322 38.56 6.25 -39.50
N GLY A 323 39.44 5.37 -39.03
CA GLY A 323 39.17 3.95 -39.01
C GLY A 323 38.98 3.37 -40.40
N PRO A 324 37.85 2.69 -40.60
CA PRO A 324 37.52 2.06 -41.89
C PRO A 324 36.78 3.01 -42.83
N GLN A 327 34.29 3.86 -37.66
CA GLN A 327 32.86 3.72 -37.51
C GLN A 327 32.52 2.81 -36.34
N TYR A 328 33.21 1.67 -36.26
CA TYR A 328 33.01 0.72 -35.18
C TYR A 328 34.06 0.80 -34.09
N LEU A 329 35.28 1.22 -34.42
CA LEU A 329 36.33 1.37 -33.41
C LEU A 329 36.09 2.57 -32.50
N GLY A 330 35.27 3.53 -32.92
CA GLY A 330 34.99 4.68 -32.09
C GLY A 330 34.32 4.36 -30.78
N PHE A 331 33.62 3.22 -30.70
CA PHE A 331 33.04 2.75 -29.46
C PHE A 331 33.83 1.60 -28.86
N LEU A 332 35.08 1.41 -29.30
CA LEU A 332 35.96 0.39 -28.75
C LEU A 332 36.21 0.59 -27.25
N PRO A 333 36.47 1.83 -26.77
CA PRO A 333 36.68 2.02 -25.32
C PRO A 333 35.51 1.55 -24.48
N THR A 334 34.32 2.12 -24.73
CA THR A 334 33.16 1.79 -23.91
C THR A 334 32.83 0.31 -23.94
N ILE A 335 32.99 -0.34 -25.10
CA ILE A 335 32.80 -1.79 -25.17
C ILE A 335 33.71 -2.47 -24.17
N PHE A 336 34.99 -2.11 -24.18
CA PHE A 336 35.92 -2.65 -23.18
C PHE A 336 35.44 -2.35 -21.77
N LEU A 337 34.91 -1.14 -21.54
CA LEU A 337 34.33 -0.81 -20.25
C LEU A 337 33.29 -1.84 -19.84
N VAL A 338 32.39 -2.20 -20.75
CA VAL A 338 31.39 -3.21 -20.42
C VAL A 338 32.06 -4.54 -20.13
N ILE A 339 33.07 -4.90 -20.92
CA ILE A 339 33.80 -6.13 -20.65
C ILE A 339 34.48 -6.06 -19.29
N GLY A 340 34.87 -4.86 -18.85
CA GLY A 340 35.43 -4.70 -17.53
C GLY A 340 34.40 -4.62 -16.43
N THR A 341 33.13 -4.47 -16.78
CA THR A 341 32.06 -4.30 -15.80
C THR A 341 31.93 -5.51 -14.86
N PRO A 342 31.87 -6.75 -15.36
CA PRO A 342 31.74 -7.89 -14.43
C PRO A 342 32.92 -8.05 -13.49
N THR A 343 34.08 -7.51 -13.82
CA THR A 343 35.25 -7.67 -12.95
C THR A 343 35.19 -6.71 -11.77
N ILE A 344 35.26 -5.41 -12.04
CA ILE A 344 35.33 -4.43 -10.96
C ILE A 344 34.10 -4.52 -10.07
N SER A 345 32.92 -4.46 -10.68
CA SER A 345 31.69 -4.63 -9.91
C SER A 345 31.73 -5.91 -9.09
N GLY A 346 32.29 -6.99 -9.67
CA GLY A 346 32.46 -8.22 -8.90
C GLY A 346 33.14 -7.97 -7.58
N VAL A 347 34.34 -7.38 -7.62
CA VAL A 347 35.04 -7.13 -6.36
C VAL A 347 34.25 -6.13 -5.54
N LEU A 348 33.59 -5.17 -6.20
CA LEU A 348 32.73 -4.24 -5.47
C LEU A 348 31.63 -5.01 -4.73
N MET A 349 31.02 -5.99 -5.41
CA MET A 349 30.04 -6.83 -4.75
C MET A 349 30.62 -7.46 -3.50
N GLY A 350 31.85 -7.97 -3.60
CA GLY A 350 32.50 -8.53 -2.43
C GLY A 350 32.58 -7.52 -1.30
N ALA A 351 32.99 -6.30 -1.62
CA ALA A 351 33.04 -5.25 -0.61
C ALA A 351 31.66 -5.06 0.03
N ALA A 352 30.61 -5.06 -0.79
CA ALA A 352 29.27 -4.95 -0.24
C ALA A 352 29.00 -6.06 0.76
N GLU A 353 29.38 -7.30 0.41
CA GLU A 353 29.21 -8.40 1.36
C GLU A 353 29.99 -8.14 2.62
N LYS A 354 31.22 -7.64 2.49
CA LYS A 354 31.98 -7.27 3.67
C LYS A 354 31.26 -6.19 4.47
N LEU A 355 30.69 -5.20 3.77
CA LEU A 355 29.94 -4.16 4.46
C LEU A 355 28.70 -4.72 5.14
N ASN A 356 28.19 -5.87 4.68
CA ASN A 356 27.06 -6.51 5.34
C ASN A 356 27.51 -7.49 6.42
N ALA A 357 28.81 -7.76 6.52
CA ALA A 357 29.29 -8.66 7.58
C ALA A 357 29.42 -7.92 8.90
N MET A 358 30.08 -6.76 8.90
CA MET A 358 30.21 -5.95 10.09
C MET A 358 28.92 -5.22 10.46
N GLU A 359 27.94 -5.19 9.55
CA GLU A 359 26.64 -4.57 9.80
C GLU A 359 25.71 -5.66 10.29
N ASN A 360 25.65 -5.84 11.61
CA ASN A 360 24.92 -6.95 12.19
C ASN A 360 23.43 -6.82 11.93
N TYR A 361 22.79 -7.94 11.58
CA TYR A 361 21.37 -8.00 11.36
C TYR A 361 20.78 -9.19 12.11
N ALA A 362 19.69 -8.95 12.83
CA ALA A 362 19.08 -10.02 13.63
C ALA A 362 18.34 -11.02 12.77
N THR A 363 17.62 -10.57 11.75
CA THR A 363 16.77 -11.43 10.94
C THR A 363 17.38 -11.65 9.57
N VAL A 364 17.02 -12.78 8.96
CA VAL A 364 17.50 -13.10 7.62
C VAL A 364 16.91 -12.12 6.61
N ASP A 365 15.63 -11.76 6.77
CA ASP A 365 14.97 -10.88 5.80
C ASP A 365 15.64 -9.51 5.74
N ALA A 366 15.95 -8.93 6.91
CA ALA A 366 16.57 -7.61 6.93
C ALA A 366 17.96 -7.64 6.31
N HIS A 367 18.75 -8.67 6.64
CA HIS A 367 20.08 -8.78 6.06
C HIS A 367 20.02 -8.95 4.55
N ASP A 368 19.09 -9.79 4.07
CA ASP A 368 18.93 -9.98 2.63
C ASP A 368 18.49 -8.69 1.96
N ALA A 369 17.58 -7.94 2.58
CA ALA A 369 17.13 -6.69 2.00
C ALA A 369 18.27 -5.67 1.92
N ALA A 370 19.08 -5.57 2.97
CA ALA A 370 20.22 -4.66 2.95
C ALA A 370 21.23 -5.05 1.88
N LEU A 371 21.53 -6.34 1.77
CA LEU A 371 22.46 -6.80 0.74
C LEU A 371 21.91 -6.51 -0.66
N ILE A 372 20.62 -6.74 -0.86
CA ILE A 372 20.00 -6.45 -2.15
C ILE A 372 20.07 -4.96 -2.46
N GLN A 373 19.82 -4.12 -1.45
CA GLN A 373 19.90 -2.67 -1.67
C GLN A 373 21.31 -2.25 -2.08
N LYS A 374 22.31 -2.75 -1.36
CA LYS A 374 23.70 -2.39 -1.70
C LYS A 374 24.07 -2.88 -3.09
N GLN A 375 23.74 -4.13 -3.41
CA GLN A 375 24.07 -4.68 -4.72
C GLN A 375 23.34 -3.94 -5.83
N PHE A 376 22.07 -3.60 -5.61
CA PHE A 376 21.31 -2.87 -6.61
C PHE A 376 21.90 -1.49 -6.84
N VAL A 377 22.29 -0.79 -5.78
CA VAL A 377 22.89 0.52 -5.96
C VAL A 377 24.19 0.42 -6.74
N LEU A 378 25.05 -0.55 -6.37
CA LEU A 378 26.32 -0.70 -7.05
C LEU A 378 26.14 -1.07 -8.53
N ASN A 379 25.22 -1.99 -8.82
CA ASN A 379 25.00 -2.39 -10.21
C ASN A 379 24.31 -1.29 -11.01
N PHE A 380 23.37 -0.56 -10.40
CA PHE A 380 22.78 0.60 -11.05
C PHE A 380 23.86 1.58 -11.47
N MET A 381 24.78 1.91 -10.56
CA MET A 381 25.89 2.78 -10.89
C MET A 381 26.69 2.23 -12.05
N THR A 382 27.27 1.03 -11.88
CA THR A 382 28.20 0.49 -12.85
C THR A 382 27.55 0.12 -14.18
N SER A 383 26.23 0.10 -14.26
CA SER A 383 25.55 -0.26 -15.50
C SER A 383 24.85 0.90 -16.19
N TYR A 384 24.54 1.99 -15.47
CA TYR A 384 23.84 3.11 -16.08
C TYR A 384 24.59 4.43 -16.00
N MET A 385 25.75 4.50 -15.33
CA MET A 385 26.42 5.78 -15.21
C MET A 385 26.93 6.29 -16.56
N ALA A 386 27.41 5.39 -17.42
CA ALA A 386 27.88 5.82 -18.74
C ALA A 386 26.75 6.40 -19.57
N LEU A 387 25.61 5.71 -19.61
CA LEU A 387 24.47 6.22 -20.36
C LEU A 387 23.94 7.52 -19.77
N PHE A 388 23.90 7.63 -18.44
CA PHE A 388 23.46 8.88 -17.82
C PHE A 388 24.40 10.02 -18.16
N PHE A 389 25.71 9.77 -18.12
CA PHE A 389 26.67 10.82 -18.47
C PHE A 389 26.52 11.25 -19.93
N THR A 390 26.34 10.28 -20.83
CA THR A 390 26.17 10.64 -22.24
C THR A 390 24.90 11.43 -22.47
N ALA A 391 23.80 11.00 -21.85
CA ALA A 391 22.50 11.61 -22.14
C ALA A 391 22.32 12.97 -21.46
N PHE A 392 22.83 13.13 -20.24
CA PHE A 392 22.51 14.29 -19.44
C PHE A 392 23.71 15.16 -19.09
N VAL A 393 24.90 14.84 -19.58
CA VAL A 393 26.08 15.68 -19.40
C VAL A 393 26.71 16.06 -20.74
N TYR A 394 27.04 15.06 -21.56
CA TYR A 394 27.65 15.35 -22.85
C TYR A 394 26.67 16.04 -23.79
N ILE A 395 25.47 15.51 -23.92
CA ILE A 395 24.47 16.02 -24.86
C ILE A 395 24.05 17.45 -24.49
N PRO A 396 23.63 17.76 -23.25
CA PRO A 396 23.16 19.11 -22.96
C PRO A 396 24.27 20.15 -23.02
N PHE A 397 25.37 19.91 -22.31
CA PHE A 397 26.52 20.84 -22.29
C PHE A 397 27.79 20.00 -22.39
N GLY A 398 28.26 19.79 -23.62
CA GLY A 398 29.47 19.02 -23.85
C GLY A 398 30.71 19.89 -23.86
N HIS A 399 30.56 21.16 -23.46
CA HIS A 399 31.67 22.11 -23.43
C HIS A 399 32.53 21.98 -22.18
N ILE A 400 32.35 20.91 -21.41
CA ILE A 400 33.12 20.70 -20.19
C ILE A 400 34.20 19.64 -20.34
N LEU A 401 34.11 18.77 -21.34
CA LEU A 401 35.12 17.75 -21.57
C LEU A 401 36.32 18.27 -22.34
N HIS A 402 36.29 19.53 -22.78
CA HIS A 402 37.38 20.06 -23.59
C HIS A 402 38.76 19.91 -22.96
N PRO A 403 38.99 20.15 -21.67
CA PRO A 403 40.32 19.88 -21.11
C PRO A 403 40.77 18.44 -21.29
N PHE A 404 39.85 17.48 -21.14
CA PHE A 404 40.23 16.08 -21.31
C PHE A 404 40.60 15.78 -22.76
N LEU A 405 39.85 16.33 -23.73
CA LEU A 405 40.27 16.24 -25.12
C LEU A 405 41.61 16.92 -25.34
N ASN A 406 41.96 17.92 -24.53
CA ASN A 406 43.29 18.51 -24.59
C ASN A 406 44.35 17.62 -23.96
N PHE A 407 43.96 16.71 -23.08
CA PHE A 407 44.94 15.81 -22.45
C PHE A 407 45.46 14.78 -23.44
N TRP A 408 44.57 14.15 -24.22
CA TRP A 408 45.01 13.15 -25.18
C TRP A 408 45.87 13.77 -26.28
N ARG A 409 45.49 14.95 -26.76
CA ARG A 409 46.25 15.63 -27.80
C ARG A 409 47.33 16.51 -27.19
N ILE A 429 29.38 17.79 -31.38
CA ILE A 429 28.45 17.08 -30.50
C ILE A 429 27.33 16.47 -31.34
N ASN A 430 27.39 15.14 -31.51
CA ASN A 430 26.40 14.44 -32.31
C ASN A 430 25.30 13.89 -31.42
N PRO A 431 24.05 14.27 -31.64
CA PRO A 431 22.95 13.76 -30.80
C PRO A 431 22.65 12.28 -31.02
N ALA A 432 23.14 11.67 -32.10
CA ALA A 432 22.87 10.28 -32.41
C ALA A 432 23.85 9.33 -31.70
N ARG A 433 24.82 9.86 -30.97
CA ARG A 433 25.77 9.03 -30.24
C ARG A 433 25.09 8.24 -29.12
N ILE A 434 24.05 8.80 -28.51
CA ILE A 434 23.35 8.10 -27.44
C ILE A 434 22.69 6.84 -27.99
N SER A 435 22.15 6.89 -29.21
CA SER A 435 21.53 5.70 -29.79
C SER A 435 22.54 4.58 -29.98
N ASN A 436 23.71 4.89 -30.55
CA ASN A 436 24.74 3.88 -30.74
C ASN A 436 25.25 3.34 -29.41
N GLN A 437 25.46 4.22 -28.42
CA GLN A 437 25.94 3.74 -27.13
C GLN A 437 24.89 2.87 -26.44
N MET A 438 23.61 3.19 -26.58
CA MET A 438 22.57 2.32 -26.05
C MET A 438 22.55 0.99 -26.79
N PHE A 439 22.75 1.00 -28.11
CA PHE A 439 22.84 -0.27 -28.83
C PHE A 439 23.97 -1.14 -28.28
N TYR A 440 25.13 -0.54 -28.04
CA TYR A 440 26.26 -1.31 -27.51
C TYR A 440 25.97 -1.78 -26.08
N PHE A 441 25.46 -0.89 -25.23
CA PHE A 441 25.11 -1.23 -23.84
C PHE A 441 23.91 -2.15 -23.75
N THR A 442 23.27 -2.45 -24.88
CA THR A 442 22.23 -3.47 -24.91
C THR A 442 22.78 -4.81 -25.38
N VAL A 443 23.58 -4.81 -26.46
CA VAL A 443 24.00 -6.10 -27.02
C VAL A 443 25.24 -6.64 -26.31
N THR A 444 26.27 -5.83 -26.11
CA THR A 444 27.55 -6.32 -25.60
C THR A 444 27.45 -6.88 -24.17
N PRO A 445 26.83 -6.18 -23.22
CA PRO A 445 26.73 -6.75 -21.87
C PRO A 445 25.97 -8.06 -21.81
N GLN A 446 24.94 -8.23 -22.66
CA GLN A 446 24.27 -9.52 -22.69
C GLN A 446 25.20 -10.62 -23.15
N ILE A 447 26.02 -10.34 -24.18
CA ILE A 447 26.97 -11.32 -24.67
C ILE A 447 28.01 -11.65 -23.60
N VAL A 448 28.52 -10.63 -22.91
CA VAL A 448 29.53 -10.88 -21.88
C VAL A 448 28.94 -11.60 -20.68
N ASN A 449 27.68 -11.33 -20.32
CA ASN A 449 27.02 -12.06 -19.26
C ASN A 449 26.81 -13.51 -19.65
N PHE A 450 26.41 -13.75 -20.90
CA PHE A 450 26.34 -15.12 -21.42
C PHE A 450 27.69 -15.81 -21.30
N ALA A 451 28.76 -15.12 -21.70
CA ALA A 451 30.09 -15.70 -21.66
C ALA A 451 30.51 -16.06 -20.24
N THR A 452 30.27 -15.15 -19.29
CA THR A 452 30.66 -15.40 -17.90
C THR A 452 29.70 -16.31 -17.16
N GLU A 453 28.53 -16.58 -17.73
CA GLU A 453 27.50 -17.35 -17.04
C GLU A 453 27.42 -18.80 -17.49
N VAL A 454 27.35 -19.07 -18.79
CA VAL A 454 27.03 -20.40 -19.28
C VAL A 454 28.23 -21.08 -19.93
N VAL A 455 29.03 -20.35 -20.70
CA VAL A 455 30.07 -21.02 -21.49
C VAL A 455 31.43 -21.06 -20.79
N VAL A 456 31.75 -20.08 -19.95
CA VAL A 456 33.01 -20.17 -19.22
C VAL A 456 32.95 -21.29 -18.18
N PRO A 457 31.79 -21.61 -17.55
CA PRO A 457 31.74 -22.87 -16.80
C PRO A 457 31.81 -24.09 -17.70
N TYR A 458 31.39 -23.99 -18.95
CA TYR A 458 31.56 -25.09 -19.90
C TYR A 458 33.04 -25.43 -20.06
N ILE A 459 33.88 -24.41 -20.28
CA ILE A 459 35.31 -24.63 -20.39
C ILE A 459 35.88 -25.07 -19.06
N LYS A 460 35.39 -24.51 -17.96
CA LYS A 460 35.90 -24.89 -16.64
C LYS A 460 35.67 -26.37 -16.35
N GLN A 461 34.50 -26.88 -16.69
CA GLN A 461 34.21 -28.30 -16.49
C GLN A 461 34.89 -29.17 -17.54
N GLN A 462 35.09 -28.65 -18.75
CA GLN A 462 35.83 -29.41 -19.76
C GLN A 462 37.29 -29.58 -19.37
N ALA A 463 37.85 -28.62 -18.63
CA ALA A 463 39.21 -28.77 -18.13
C ALA A 463 39.31 -29.94 -17.15
N PHE A 464 38.23 -30.22 -16.42
CA PHE A 464 38.21 -31.33 -15.48
C PHE A 464 37.55 -32.56 -16.09
N GLU A 482 31.84 -50.77 -6.03
CA GLU A 482 30.50 -51.18 -5.64
C GLU A 482 29.57 -49.98 -5.55
N GLU A 483 30.12 -48.83 -5.11
CA GLU A 483 29.35 -47.60 -5.04
C GLU A 483 30.23 -46.39 -5.40
N ALA A 484 31.32 -46.60 -6.14
CA ALA A 484 32.25 -45.53 -6.43
C ALA A 484 31.66 -44.44 -7.30
N GLU A 485 30.73 -44.78 -8.19
CA GLU A 485 30.14 -43.77 -9.08
C GLU A 485 29.38 -42.71 -8.27
N PHE A 486 28.52 -43.15 -7.36
CA PHE A 486 27.75 -42.21 -6.56
C PHE A 486 28.65 -41.38 -5.66
N LEU A 487 29.64 -42.01 -5.02
CA LEU A 487 30.55 -41.27 -4.16
C LEU A 487 31.34 -40.24 -4.94
N GLN A 488 31.81 -40.60 -6.14
CA GLN A 488 32.49 -39.63 -7.00
C GLN A 488 31.57 -38.50 -7.41
N ARG A 489 30.30 -38.81 -7.68
CA ARG A 489 29.34 -37.76 -8.02
C ARG A 489 29.17 -36.77 -6.87
N VAL A 490 29.03 -37.26 -5.64
CA VAL A 490 28.93 -36.36 -4.50
C VAL A 490 30.21 -35.58 -4.30
N ARG A 491 31.37 -36.23 -4.45
CA ARG A 491 32.64 -35.54 -4.26
C ARG A 491 32.84 -34.43 -5.29
N GLU A 492 32.40 -34.65 -6.52
CA GLU A 492 32.43 -33.59 -7.52
C GLU A 492 31.35 -32.54 -7.28
N GLU A 493 30.26 -32.91 -6.61
CA GLU A 493 29.16 -31.97 -6.38
C GLU A 493 29.46 -30.96 -5.28
N CYS A 494 30.19 -31.37 -4.23
CA CYS A 494 30.46 -30.47 -3.12
C CYS A 494 31.45 -29.38 -3.46
N THR A 495 32.16 -29.49 -4.58
CA THR A 495 33.08 -28.45 -5.02
C THR A 495 32.38 -27.28 -5.70
N LEU A 496 31.12 -27.44 -6.09
CA LEU A 496 30.39 -26.36 -6.74
C LEU A 496 29.93 -25.34 -5.68
N GLU A 497 29.45 -24.20 -6.17
CA GLU A 497 28.99 -23.12 -5.30
C GLU A 497 27.48 -23.18 -5.16
N GLU A 498 26.99 -22.54 -4.11
CA GLU A 498 25.55 -22.38 -3.93
C GLU A 498 24.97 -21.54 -5.05
N TYR A 499 23.74 -21.88 -5.45
CA TYR A 499 23.03 -21.10 -6.45
C TYR A 499 22.52 -19.82 -5.82
N ASP A 500 23.04 -18.68 -6.27
CA ASP A 500 22.64 -17.38 -5.75
C ASP A 500 21.58 -16.81 -6.69
N VAL A 501 20.31 -16.91 -6.29
CA VAL A 501 19.22 -16.38 -7.10
C VAL A 501 19.25 -14.85 -7.13
N SER A 502 19.94 -14.22 -6.17
CA SER A 502 20.04 -12.77 -6.16
C SER A 502 20.75 -12.24 -7.40
N GLY A 503 21.77 -12.96 -7.88
CA GLY A 503 22.45 -12.52 -9.08
C GLY A 503 21.56 -12.53 -10.30
N ASP A 504 20.77 -13.58 -10.47
CA ASP A 504 19.82 -13.65 -11.60
C ASP A 504 18.75 -12.58 -11.47
N TYR A 505 18.24 -12.37 -10.25
CA TYR A 505 17.28 -11.29 -10.04
C TYR A 505 17.88 -9.94 -10.41
N ARG A 506 19.14 -9.71 -10.02
CA ARG A 506 19.80 -8.45 -10.32
C ARG A 506 19.99 -8.26 -11.81
N GLU A 507 20.38 -9.33 -12.52
CA GLU A 507 20.53 -9.23 -13.96
C GLU A 507 19.21 -8.89 -14.64
N MET A 508 18.13 -9.56 -14.24
CA MET A 508 16.83 -9.27 -14.84
C MET A 508 16.35 -7.86 -14.50
N VAL A 509 16.61 -7.39 -13.27
CA VAL A 509 16.21 -6.04 -12.89
C VAL A 509 17.01 -5.01 -13.69
N MET A 510 18.30 -5.28 -13.91
CA MET A 510 19.11 -4.38 -14.74
C MET A 510 18.58 -4.34 -16.17
N GLN A 511 18.20 -5.50 -16.72
CA GLN A 511 17.64 -5.50 -18.06
C GLN A 511 16.33 -4.71 -18.12
N PHE A 512 15.47 -4.89 -17.13
CA PHE A 512 14.22 -4.13 -17.09
C PHE A 512 14.49 -2.64 -16.99
N GLY A 513 15.49 -2.26 -16.20
CA GLY A 513 15.86 -0.86 -16.11
C GLY A 513 16.34 -0.31 -17.45
N TYR A 514 17.20 -1.07 -18.13
CA TYR A 514 17.63 -0.65 -19.47
C TYR A 514 16.42 -0.38 -20.35
N VAL A 515 15.48 -1.32 -20.40
CA VAL A 515 14.28 -1.15 -21.21
C VAL A 515 13.51 0.09 -20.78
N ALA A 516 13.35 0.27 -19.46
CA ALA A 516 12.49 1.33 -18.96
C ALA A 516 13.04 2.73 -19.21
N MET A 517 14.33 2.97 -18.94
CA MET A 517 14.84 4.33 -19.00
C MET A 517 15.71 4.65 -20.21
N PHE A 518 16.14 3.65 -20.99
CA PHE A 518 17.07 3.96 -22.07
C PHE A 518 16.72 3.32 -23.40
N SER A 519 15.63 2.55 -23.49
CA SER A 519 15.26 1.93 -24.75
C SER A 519 14.75 2.93 -25.78
N VAL A 520 14.47 4.18 -25.37
CA VAL A 520 13.98 5.16 -26.33
C VAL A 520 15.06 5.51 -27.35
N ALA A 521 16.33 5.55 -26.93
CA ALA A 521 17.41 5.84 -27.86
C ALA A 521 17.57 4.72 -28.89
N TRP A 522 17.45 3.47 -28.48
CA TRP A 522 17.56 2.33 -29.39
C TRP A 522 16.31 1.46 -29.18
N PRO A 523 15.23 1.75 -29.93
CA PRO A 523 13.96 1.04 -29.69
C PRO A 523 14.03 -0.46 -29.88
N LEU A 524 14.96 -0.97 -30.69
CA LEU A 524 15.08 -2.40 -30.91
C LEU A 524 15.64 -3.14 -29.70
N ALA A 525 16.17 -2.41 -28.71
CA ALA A 525 16.87 -3.05 -27.60
C ALA A 525 16.02 -4.11 -26.92
N ALA A 526 14.78 -3.74 -26.56
CA ALA A 526 13.88 -4.69 -25.92
C ALA A 526 13.78 -5.97 -26.73
N CYS A 527 13.62 -5.85 -28.05
CA CYS A 527 13.56 -7.04 -28.90
C CYS A 527 14.74 -7.95 -28.65
N CYS A 528 15.95 -7.40 -28.70
CA CYS A 528 17.14 -8.20 -28.39
C CYS A 528 17.00 -8.85 -27.02
N PHE A 529 16.63 -8.05 -26.01
CA PHE A 529 16.46 -8.59 -24.68
C PHE A 529 15.47 -9.75 -24.69
N LEU A 530 14.38 -9.61 -25.44
CA LEU A 530 13.41 -10.69 -25.54
C LEU A 530 14.08 -12.00 -25.92
N VAL A 531 14.88 -11.96 -26.99
CA VAL A 531 15.61 -13.16 -27.40
C VAL A 531 16.45 -13.68 -26.25
N ASN A 532 17.22 -12.79 -25.62
CA ASN A 532 18.06 -13.21 -24.51
C ASN A 532 17.24 -13.86 -23.42
N ASN A 533 16.04 -13.31 -23.14
CA ASN A 533 15.21 -13.91 -22.09
C ASN A 533 14.87 -15.35 -22.44
N TRP A 534 14.53 -15.62 -23.69
CA TRP A 534 14.22 -17.00 -24.07
C TRP A 534 15.43 -17.90 -23.83
N VAL A 535 16.63 -17.39 -24.03
CA VAL A 535 17.81 -18.17 -23.69
C VAL A 535 17.96 -18.29 -22.19
N GLU A 536 17.74 -17.19 -21.47
CA GLU A 536 18.00 -17.17 -20.03
C GLU A 536 17.15 -18.21 -19.32
N LEU A 537 15.85 -18.25 -19.64
CA LEU A 537 14.94 -19.20 -19.01
C LEU A 537 15.45 -20.64 -19.15
N ARG A 538 16.18 -20.92 -20.23
CA ARG A 538 16.85 -22.21 -20.34
C ARG A 538 18.23 -22.18 -19.71
N SER A 539 19.04 -21.16 -20.05
CA SER A 539 20.43 -21.16 -19.62
C SER A 539 20.54 -21.13 -18.10
N ASP A 540 19.78 -20.24 -17.45
CA ASP A 540 19.76 -20.22 -15.99
C ASP A 540 19.33 -21.56 -15.44
N ALA A 541 18.36 -22.21 -16.09
CA ALA A 541 17.98 -23.56 -15.70
C ALA A 541 19.18 -24.49 -15.78
N LEU A 542 19.92 -24.43 -16.88
CA LEU A 542 21.14 -25.22 -16.99
C LEU A 542 22.13 -24.84 -15.91
N LYS A 543 22.15 -23.58 -15.49
CA LYS A 543 23.02 -23.16 -14.40
C LYS A 543 22.68 -23.87 -13.10
N ILE A 544 21.42 -24.25 -12.91
CA ILE A 544 21.05 -25.05 -11.75
C ILE A 544 21.14 -26.54 -12.03
N ALA A 545 21.28 -26.94 -13.29
CA ALA A 545 21.33 -28.35 -13.63
C ALA A 545 22.69 -28.95 -13.37
N ILE A 546 23.74 -28.37 -13.95
CA ILE A 546 25.08 -28.92 -13.83
C ILE A 546 26.11 -27.89 -13.35
N SER A 547 25.83 -26.59 -13.46
CA SER A 547 26.81 -25.56 -13.12
C SER A 547 26.76 -25.16 -11.66
N SER A 548 25.83 -25.70 -10.88
CA SER A 548 25.73 -25.36 -9.47
C SER A 548 25.07 -26.50 -8.72
N ARG A 549 25.26 -26.50 -7.40
CA ARG A 549 24.69 -27.53 -6.55
C ARG A 549 23.32 -27.09 -6.04
N ARG A 550 22.54 -28.08 -5.60
CA ARG A 550 21.12 -27.86 -5.33
C ARG A 550 20.95 -26.88 -4.16
N PRO A 551 20.18 -25.82 -4.33
CA PRO A 551 20.00 -24.84 -3.25
C PRO A 551 19.07 -25.35 -2.16
N ILE A 552 19.17 -24.71 -1.01
CA ILE A 552 18.25 -25.02 0.09
C ILE A 552 16.85 -24.54 -0.26
N PRO A 553 15.84 -25.41 -0.21
CA PRO A 553 14.49 -24.95 -0.56
C PRO A 553 13.91 -23.99 0.46
N TRP A 554 13.80 -22.72 0.08
CA TRP A 554 13.25 -21.69 0.95
C TRP A 554 11.85 -21.32 0.51
N ARG A 555 11.16 -20.59 1.39
CA ARG A 555 9.80 -20.13 1.13
C ARG A 555 9.77 -18.61 1.14
N THR A 556 9.24 -18.02 0.07
CA THR A 556 9.13 -16.58 -0.06
C THR A 556 7.76 -16.21 -0.59
N ASP A 557 7.09 -15.29 0.11
CA ASP A 557 5.80 -14.79 -0.36
C ASP A 557 5.99 -13.97 -1.64
N SER A 558 6.98 -13.09 -1.65
CA SER A 558 7.24 -12.19 -2.77
C SER A 558 8.67 -12.40 -3.24
N ILE A 559 9.02 -11.78 -4.36
CA ILE A 559 10.41 -11.78 -4.81
C ILE A 559 11.29 -10.89 -3.93
N GLY A 560 10.69 -10.10 -3.05
CA GLY A 560 11.44 -9.34 -2.07
C GLY A 560 11.68 -7.90 -2.48
N PRO A 561 12.73 -7.30 -1.93
CA PRO A 561 13.00 -5.88 -2.19
C PRO A 561 13.22 -5.56 -3.65
N TRP A 562 13.54 -6.56 -4.47
CA TRP A 562 13.66 -6.33 -5.91
C TRP A 562 12.40 -5.68 -6.47
N LEU A 563 11.23 -6.04 -5.94
CA LEU A 563 10.00 -5.39 -6.36
C LEU A 563 10.12 -3.88 -6.26
N THR A 564 10.53 -3.39 -5.08
CA THR A 564 10.75 -1.97 -4.90
C THR A 564 11.69 -1.43 -5.96
N ALA A 565 12.80 -2.12 -6.19
CA ALA A 565 13.75 -1.69 -7.21
C ALA A 565 13.05 -1.50 -8.55
N LEU A 566 12.23 -2.48 -8.95
CA LEU A 566 11.51 -2.36 -10.20
C LEU A 566 10.71 -1.07 -10.24
N SER A 567 9.95 -0.81 -9.17
CA SER A 567 9.17 0.42 -9.11
C SER A 567 10.06 1.64 -9.33
N PHE A 568 11.21 1.68 -8.65
CA PHE A 568 12.14 2.78 -8.87
C PHE A 568 12.55 2.86 -10.33
N LEU A 569 12.98 1.73 -10.90
CA LEU A 569 13.39 1.74 -12.30
C LEU A 569 12.26 2.07 -13.23
N SER A 570 11.01 1.96 -12.77
CA SER A 570 9.90 2.51 -13.54
C SER A 570 9.87 4.02 -13.43
N TRP A 571 9.77 4.54 -12.19
CA TRP A 571 9.49 5.96 -12.00
C TRP A 571 10.55 6.83 -12.66
N LEU A 572 11.82 6.63 -12.29
CA LEU A 572 12.88 7.45 -12.87
C LEU A 572 12.97 7.22 -14.37
N GLY A 573 12.63 6.01 -14.82
CA GLY A 573 12.58 5.77 -16.25
C GLY A 573 11.61 6.72 -16.94
N SER A 574 10.42 6.88 -16.37
CA SER A 574 9.43 7.81 -16.93
C SER A 574 10.01 9.21 -17.06
N ILE A 575 10.96 9.57 -16.19
CA ILE A 575 11.67 10.82 -16.36
C ILE A 575 12.74 10.68 -17.45
N THR A 576 13.63 9.70 -17.28
CA THR A 576 14.86 9.66 -18.06
C THR A 576 14.56 9.59 -19.55
N SER A 577 13.73 8.63 -19.97
CA SER A 577 13.37 8.51 -21.37
C SER A 577 12.83 9.83 -21.90
N SER A 578 11.92 10.46 -21.16
CA SER A 578 11.39 11.74 -21.60
C SER A 578 12.50 12.77 -21.75
N ALA A 579 13.39 12.86 -20.75
CA ALA A 579 14.49 13.79 -20.83
C ALA A 579 15.41 13.49 -22.00
N ILE A 580 15.43 12.24 -22.49
CA ILE A 580 16.18 11.94 -23.70
C ILE A 580 15.49 12.55 -24.91
N VAL A 581 14.17 12.38 -25.01
CA VAL A 581 13.46 12.76 -26.22
C VAL A 581 13.60 14.25 -26.50
N TYR A 582 13.48 15.08 -25.48
CA TYR A 582 13.67 16.52 -25.67
C TYR A 582 15.12 16.87 -25.95
N LEU A 583 16.07 16.14 -25.38
CA LEU A 583 17.47 16.54 -25.47
C LEU A 583 18.12 16.11 -26.78
N CYS A 584 17.77 14.94 -27.31
CA CYS A 584 18.38 14.44 -28.53
C CYS A 584 17.65 14.84 -29.80
N SER A 585 16.47 15.46 -29.67
CA SER A 585 15.73 15.94 -30.83
C SER A 585 16.02 17.39 -31.16
N ASN A 586 16.63 18.14 -30.24
CA ASN A 586 16.93 19.55 -30.47
C ASN A 586 18.43 19.77 -30.62
N ALA A 600 15.13 25.04 -22.33
CA ALA A 600 15.21 24.72 -20.91
C ALA A 600 13.82 24.48 -20.34
N TRP A 601 12.88 25.37 -20.67
CA TRP A 601 11.51 25.25 -20.22
C TRP A 601 10.81 24.02 -20.82
N GLY A 602 11.09 23.72 -22.09
CA GLY A 602 10.48 22.55 -22.71
C GLY A 602 10.89 21.25 -22.07
N LEU A 603 12.15 21.13 -21.67
CA LEU A 603 12.62 19.91 -21.01
C LEU A 603 11.89 19.69 -19.70
N LEU A 604 11.75 20.74 -18.89
CA LEU A 604 11.03 20.61 -17.63
C LEU A 604 9.55 20.31 -17.86
N LEU A 605 8.94 20.93 -18.88
CA LEU A 605 7.55 20.62 -19.19
C LEU A 605 7.38 19.16 -19.60
N SER A 606 8.30 18.65 -20.41
CA SER A 606 8.23 17.24 -20.81
C SER A 606 8.41 16.33 -19.61
N ILE A 607 9.33 16.67 -18.71
CA ILE A 607 9.52 15.85 -17.50
C ILE A 607 8.25 15.85 -16.65
N LEU A 608 7.64 17.02 -16.47
CA LEU A 608 6.38 17.09 -15.73
C LEU A 608 5.31 16.22 -16.37
N PHE A 609 5.13 16.36 -17.69
CA PHE A 609 4.06 15.62 -18.35
C PHE A 609 4.31 14.11 -18.26
N ALA A 610 5.56 13.67 -18.47
CA ALA A 610 5.85 12.24 -18.40
C ALA A 610 5.67 11.70 -16.99
N GLU A 611 6.16 12.41 -15.98
CA GLU A 611 6.02 11.93 -14.60
C GLU A 611 4.56 11.86 -14.18
N HIS A 612 3.78 12.89 -14.50
CA HIS A 612 2.38 12.89 -14.11
C HIS A 612 1.58 11.87 -14.91
N PHE A 613 1.93 11.65 -16.18
CA PHE A 613 1.31 10.58 -16.94
C PHE A 613 1.62 9.22 -16.33
N TYR A 614 2.86 9.02 -15.89
CA TYR A 614 3.23 7.78 -15.21
C TYR A 614 2.40 7.58 -13.95
N LEU A 615 2.25 8.64 -13.15
CA LEU A 615 1.45 8.53 -11.93
C LEU A 615 -0.01 8.23 -12.25
N VAL A 616 -0.56 8.89 -13.27
CA VAL A 616 -1.96 8.70 -13.62
C VAL A 616 -2.21 7.28 -14.11
N VAL A 617 -1.32 6.77 -14.99
CA VAL A 617 -1.51 5.41 -15.46
C VAL A 617 -1.25 4.40 -14.36
N GLN A 618 -0.36 4.70 -13.40
CA GLN A 618 -0.19 3.82 -12.25
C GLN A 618 -1.48 3.71 -11.46
N LEU A 619 -2.11 4.85 -11.18
CA LEU A 619 -3.39 4.84 -10.45
C LEU A 619 -4.46 4.11 -11.25
N ALA A 620 -4.53 4.35 -12.56
CA ALA A 620 -5.55 3.73 -13.38
C ALA A 620 -5.37 2.21 -13.43
N VAL A 621 -4.14 1.74 -13.60
CA VAL A 621 -3.90 0.30 -13.67
C VAL A 621 -4.15 -0.35 -12.30
N ARG A 622 -3.77 0.33 -11.22
CA ARG A 622 -4.08 -0.20 -9.89
C ARG A 622 -5.59 -0.33 -9.68
N PHE A 623 -6.34 0.68 -10.10
CA PHE A 623 -7.80 0.61 -9.99
C PHE A 623 -8.37 -0.52 -10.84
N VAL A 624 -7.88 -0.66 -12.07
CA VAL A 624 -8.39 -1.70 -12.96
C VAL A 624 -8.11 -3.08 -12.40
N LEU A 625 -6.90 -3.32 -11.90
CA LEU A 625 -6.59 -4.61 -11.31
C LEU A 625 -7.32 -4.86 -10.00
N SER A 626 -7.58 -3.81 -9.21
CA SER A 626 -8.40 -3.99 -8.02
C SER A 626 -9.84 -4.33 -8.37
N LYS A 627 -10.33 -3.85 -9.52
CA LYS A 627 -11.66 -4.19 -10.00
C LYS A 627 -11.66 -5.43 -10.88
N LEU A 628 -10.68 -6.31 -10.72
CA LEU A 628 -10.60 -7.53 -11.51
C LEU A 628 -10.15 -8.71 -10.64
N PRO A 631 -8.53 -15.17 -9.06
CA PRO A 631 -8.50 -16.61 -8.78
C PRO A 631 -8.11 -16.91 -7.33
N GLY A 632 -6.98 -16.34 -6.89
CA GLY A 632 -6.55 -16.55 -5.52
C GLY A 632 -7.51 -15.97 -4.50
N LEU A 633 -8.03 -14.76 -4.78
CA LEU A 633 -9.02 -14.17 -3.90
C LEU A 633 -10.30 -14.99 -3.85
N GLN A 634 -10.73 -15.52 -5.00
CA GLN A 634 -11.91 -16.38 -5.00
C GLN A 634 -11.69 -17.64 -4.19
N LYS A 635 -10.51 -18.26 -4.30
CA LYS A 635 -10.20 -19.43 -3.50
C LYS A 635 -10.16 -19.11 -2.01
N GLU A 636 -9.58 -17.97 -1.64
CA GLU A 636 -9.56 -17.57 -0.24
C GLU A 636 -10.96 -17.33 0.28
N ARG A 637 -11.82 -16.69 -0.52
CA ARG A 637 -13.20 -16.47 -0.11
C ARG A 637 -13.96 -17.79 0.04
N LYS A 638 -13.73 -18.73 -0.88
CA LYS A 638 -14.37 -20.03 -0.76
C LYS A 638 -13.91 -20.78 0.48
N GLU A 639 -12.61 -20.72 0.79
CA GLU A 639 -12.12 -21.34 2.01
C GLU A 639 -12.71 -20.68 3.26
N ARG A 640 -12.82 -19.35 3.25
CA ARG A 640 -13.43 -18.66 4.38
C ARG A 640 -14.90 -19.05 4.54
N PHE A 641 -15.62 -19.16 3.44
CA PHE A 641 -17.02 -19.59 3.51
C PHE A 641 -17.14 -21.03 4.03
N GLN A 642 -16.25 -21.92 3.58
CA GLN A 642 -16.28 -23.30 4.08
C GLN A 642 -15.98 -23.34 5.56
N THR A 643 -15.00 -22.57 6.03
CA THR A 643 -14.71 -22.51 7.45
C THR A 643 -15.87 -21.92 8.24
N LYS A 644 -16.55 -20.92 7.68
CA LYS A 644 -17.71 -20.34 8.33
C LYS A 644 -18.83 -21.37 8.48
N LYS A 645 -19.12 -22.11 7.40
CA LYS A 645 -20.14 -23.15 7.45
C LYS A 645 -19.74 -24.33 8.32
N ARG A 646 -18.44 -24.54 8.55
CA ARG A 646 -17.96 -25.58 9.44
C ARG A 646 -17.83 -25.11 10.89
N LEU A 647 -18.06 -23.82 11.15
CA LEU A 647 -17.95 -23.28 12.50
C LEU A 647 -19.26 -23.36 13.29
N LEU A 648 -20.35 -23.79 12.65
CA LEU A 648 -21.62 -23.93 13.33
C LEU A 648 -22.50 -24.97 12.65
N THR A 690 -43.83 4.52 40.21
CA THR A 690 -42.80 4.33 39.19
C THR A 690 -43.38 4.46 37.77
N PRO A 691 -43.10 5.60 37.13
CA PRO A 691 -43.63 5.84 35.78
C PRO A 691 -43.13 4.84 34.74
N GLU A 692 -41.88 4.41 34.88
CA GLU A 692 -41.28 3.52 33.88
C GLU A 692 -41.94 2.15 33.90
N GLU A 693 -42.09 1.57 35.09
CA GLU A 693 -42.70 0.24 35.20
C GLU A 693 -44.20 0.25 34.92
N MET A 694 -44.82 1.43 34.87
CA MET A 694 -46.23 1.52 34.48
C MET A 694 -46.40 1.89 33.01
N PHE A 695 -45.36 2.42 32.37
CA PHE A 695 -45.46 2.80 30.96
C PHE A 695 -45.56 1.58 30.06
N TRP A 696 -44.87 0.50 30.41
CA TRP A 696 -44.78 -0.68 29.56
C TRP A 696 -45.84 -1.74 29.89
N GLN A 697 -46.69 -1.50 30.90
CA GLN A 697 -47.73 -2.44 31.26
C GLN A 697 -49.10 -2.01 30.78
N ARG A 698 -49.20 -0.90 30.05
CA ARG A 698 -50.49 -0.45 29.55
C ARG A 698 -51.03 -1.37 28.47
N GLN A 699 -50.19 -1.71 27.49
CA GLN A 699 -50.54 -2.66 26.44
C GLN A 699 -49.40 -3.67 26.33
N ARG A 700 -49.48 -4.73 27.12
CA ARG A 700 -48.43 -5.75 27.11
C ARG A 700 -48.69 -6.80 26.04
N GLY A 701 -49.96 -7.05 25.72
CA GLY A 701 -50.31 -8.10 24.79
C GLY A 701 -50.34 -7.65 23.34
N MET A 702 -50.71 -8.61 22.48
CA MET A 702 -50.84 -8.35 21.06
C MET A 702 -52.14 -7.61 20.73
N GLN A 703 -53.28 -8.24 21.04
CA GLN A 703 -54.57 -7.67 20.72
C GLN A 703 -54.76 -6.30 21.39
N GLU A 704 -54.22 -6.11 22.58
CA GLU A 704 -54.30 -4.81 23.23
C GLU A 704 -53.60 -3.73 22.40
N THR A 705 -52.39 -4.03 21.92
CA THR A 705 -51.67 -3.06 21.10
C THR A 705 -52.41 -2.77 19.80
N ILE A 706 -52.91 -3.82 19.13
CA ILE A 706 -53.63 -3.61 17.87
C ILE A 706 -54.89 -2.79 18.12
N GLU A 707 -55.62 -3.09 19.19
CA GLU A 707 -56.86 -2.38 19.48
C GLU A 707 -56.58 -0.91 19.79
N ILE A 708 -55.55 -0.63 20.59
CA ILE A 708 -55.24 0.77 20.89
C ILE A 708 -54.81 1.51 19.64
N GLY A 709 -53.97 0.88 18.80
CA GLY A 709 -53.56 1.53 17.57
C GLY A 709 -54.72 1.84 16.65
N ARG A 710 -55.62 0.87 16.46
CA ARG A 710 -56.79 1.10 15.62
C ARG A 710 -57.72 2.15 16.21
N ARG A 711 -57.92 2.12 17.54
CA ARG A 711 -58.79 3.09 18.18
C ARG A 711 -58.26 4.50 18.02
N MET A 712 -56.95 4.69 18.19
CA MET A 712 -56.41 6.04 18.02
C MET A 712 -56.27 6.45 16.56
N ILE A 713 -56.14 5.49 15.64
CA ILE A 713 -56.26 5.82 14.23
C ILE A 713 -57.65 6.36 13.92
N GLU A 714 -58.69 5.70 14.46
CA GLU A 714 -60.05 6.19 14.31
C GLU A 714 -60.25 7.52 15.02
N GLN A 715 -59.52 7.77 16.11
CA GLN A 715 -59.61 9.04 16.81
C GLN A 715 -59.11 10.18 15.93
N GLN A 716 -58.02 9.96 15.19
CA GLN A 716 -57.46 10.98 14.32
C GLN A 716 -57.91 10.77 12.88
N SER B 17 -35.70 11.15 32.51
CA SER B 17 -34.90 10.33 31.61
C SER B 17 -35.79 9.45 30.72
N ASN B 18 -35.17 8.57 29.94
CA ASN B 18 -35.92 7.68 29.09
C ASN B 18 -36.66 6.64 29.92
N PHE B 19 -37.69 6.04 29.30
CA PHE B 19 -38.54 5.05 29.95
C PHE B 19 -38.13 3.64 29.58
N GLY B 20 -36.84 3.40 29.40
CA GLY B 20 -36.37 2.13 28.89
C GLY B 20 -36.58 1.94 27.42
N VAL B 21 -36.95 2.99 26.70
CA VAL B 21 -37.24 2.90 25.27
C VAL B 21 -35.92 2.79 24.52
N ASP B 22 -35.80 1.76 23.69
CA ASP B 22 -34.57 1.51 22.94
C ASP B 22 -34.62 2.07 21.53
N PHE B 23 -35.78 2.01 20.86
CA PHE B 23 -35.94 2.62 19.55
C PHE B 23 -37.35 3.17 19.41
N VAL B 24 -37.51 4.09 18.47
CA VAL B 24 -38.78 4.76 18.25
C VAL B 24 -39.18 4.57 16.79
N ILE B 25 -40.44 4.23 16.55
CA ILE B 25 -40.98 3.99 15.23
C ILE B 25 -41.97 5.11 14.95
N HIS B 26 -41.75 5.84 13.85
CA HIS B 26 -42.57 7.01 13.56
C HIS B 26 -43.94 6.61 13.00
N TYR B 27 -43.95 5.99 11.81
CA TYR B 27 -45.16 5.49 11.17
C TYR B 27 -46.26 6.56 11.15
N LYS B 28 -46.00 7.64 10.41
CA LYS B 28 -47.01 8.66 10.22
C LYS B 28 -48.11 8.13 9.31
N VAL B 29 -49.35 8.34 9.71
CA VAL B 29 -50.52 7.86 8.97
C VAL B 29 -51.20 9.05 8.31
N PRO B 30 -51.31 9.07 6.98
CA PRO B 30 -52.01 10.18 6.32
C PRO B 30 -53.52 10.03 6.43
N ALA B 31 -54.19 11.19 6.47
CA ALA B 31 -55.66 11.19 6.51
C ALA B 31 -56.23 10.57 5.24
N ALA B 32 -55.69 10.92 4.09
CA ALA B 32 -56.10 10.30 2.84
C ALA B 32 -55.33 9.00 2.63
N GLU B 33 -55.97 8.04 1.97
CA GLU B 33 -55.40 6.72 1.73
C GLU B 33 -55.03 6.04 3.05
N ARG B 34 -56.06 5.80 3.86
CA ARG B 34 -55.89 5.18 5.17
C ARG B 34 -56.19 3.68 5.16
N ASP B 35 -56.87 3.18 4.12
CA ASP B 35 -57.27 1.78 4.08
C ASP B 35 -56.08 0.83 4.14
N GLU B 36 -54.97 1.16 3.49
CA GLU B 36 -53.77 0.33 3.52
C GLU B 36 -52.80 0.77 4.63
N ALA B 37 -53.19 1.76 5.43
CA ALA B 37 -52.33 2.18 6.53
C ALA B 37 -52.53 1.31 7.77
N GLU B 38 -53.78 0.94 8.06
CA GLU B 38 -54.04 0.04 9.18
C GLU B 38 -53.38 -1.32 8.97
N ALA B 39 -53.47 -1.86 7.75
CA ALA B 39 -52.82 -3.12 7.45
C ALA B 39 -51.30 -3.01 7.59
N GLY B 40 -50.72 -1.91 7.13
CA GLY B 40 -49.30 -1.69 7.31
C GLY B 40 -48.90 -1.61 8.77
N PHE B 41 -49.69 -0.91 9.60
CA PHE B 41 -49.40 -0.85 11.03
C PHE B 41 -49.49 -2.23 11.67
N VAL B 42 -50.52 -3.01 11.31
CA VAL B 42 -50.66 -4.35 11.86
C VAL B 42 -49.48 -5.23 11.47
N GLN B 43 -49.07 -5.17 10.20
CA GLN B 43 -47.91 -5.95 9.78
C GLN B 43 -46.64 -5.50 10.49
N LEU B 44 -46.46 -4.19 10.65
CA LEU B 44 -45.31 -3.68 11.40
C LEU B 44 -45.27 -4.24 12.81
N ILE B 45 -46.40 -4.15 13.53
CA ILE B 45 -46.42 -4.60 14.91
C ILE B 45 -46.20 -6.12 14.98
N ARG B 46 -46.84 -6.86 14.08
CA ARG B 46 -46.69 -8.31 14.08
C ARG B 46 -45.25 -8.72 13.83
N ALA B 47 -44.59 -8.10 12.84
CA ALA B 47 -43.20 -8.43 12.57
C ALA B 47 -42.29 -8.02 13.73
N LEU B 48 -42.56 -6.85 14.32
CA LEU B 48 -41.70 -6.35 15.39
C LEU B 48 -41.85 -7.19 16.66
N THR B 49 -43.00 -7.82 16.86
CA THR B 49 -43.11 -8.79 17.95
C THR B 49 -42.58 -10.16 17.55
N THR B 50 -42.60 -10.49 16.26
CA THR B 50 -42.03 -11.74 15.80
C THR B 50 -40.52 -11.77 16.02
N VAL B 51 -39.83 -10.67 15.72
CA VAL B 51 -38.39 -10.62 15.99
C VAL B 51 -38.12 -10.64 17.49
N GLY B 52 -39.11 -10.28 18.31
CA GLY B 52 -38.97 -10.36 19.75
C GLY B 52 -38.69 -9.04 20.44
N LEU B 53 -39.44 -8.01 20.09
CA LEU B 53 -39.31 -6.70 20.72
C LEU B 53 -40.64 -6.28 21.32
N ALA B 54 -40.60 -5.80 22.56
CA ALA B 54 -41.81 -5.28 23.19
C ALA B 54 -42.13 -3.90 22.64
N THR B 55 -43.39 -3.70 22.24
CA THR B 55 -43.83 -2.48 21.57
C THR B 55 -44.91 -1.78 22.39
N GLU B 56 -44.92 -0.44 22.29
CA GLU B 56 -45.88 0.39 22.99
C GLU B 56 -46.29 1.54 22.09
N VAL B 57 -47.57 1.60 21.72
CA VAL B 57 -48.07 2.61 20.80
C VAL B 57 -48.53 3.84 21.58
N ARG B 58 -48.16 5.03 21.09
CA ARG B 58 -48.55 6.29 21.70
C ARG B 58 -48.77 7.33 20.61
N HIS B 59 -49.36 8.46 21.01
CA HIS B 59 -49.72 9.52 20.08
C HIS B 59 -48.49 10.12 19.42
N GLY B 60 -48.65 10.55 18.17
CA GLY B 60 -47.62 11.29 17.47
C GLY B 60 -48.07 12.70 17.14
N GLU B 61 -47.25 13.37 16.33
CA GLU B 61 -47.53 14.73 15.92
C GLU B 61 -47.99 14.77 14.48
N ASN B 62 -49.08 15.49 14.23
CA ASN B 62 -49.63 15.71 12.88
C ASN B 62 -49.97 14.37 12.21
N GLU B 63 -50.94 13.68 12.80
CA GLU B 63 -51.47 12.42 12.27
C GLU B 63 -50.37 11.36 12.16
N SER B 64 -49.85 10.97 13.32
CA SER B 64 -48.83 9.93 13.39
C SER B 64 -49.01 9.15 14.68
N LEU B 65 -48.47 7.93 14.70
CA LEU B 65 -48.53 7.05 15.86
C LEU B 65 -47.12 6.52 16.13
N LEU B 66 -46.49 7.01 17.20
CA LEU B 66 -45.13 6.60 17.52
C LEU B 66 -45.18 5.37 18.41
N VAL B 67 -44.50 4.31 18.01
CA VAL B 67 -44.45 3.10 18.84
C VAL B 67 -43.01 2.91 19.31
N PHE B 68 -42.86 2.77 20.62
CA PHE B 68 -41.56 2.60 21.26
C PHE B 68 -41.29 1.12 21.41
N VAL B 69 -40.09 0.69 21.02
CA VAL B 69 -39.74 -0.72 21.03
C VAL B 69 -38.49 -0.93 21.87
N LYS B 70 -38.55 -1.96 22.71
CA LYS B 70 -37.45 -2.36 23.57
C LYS B 70 -37.33 -3.88 23.52
N VAL B 71 -36.47 -4.42 24.36
CA VAL B 71 -36.29 -5.86 24.43
C VAL B 71 -36.86 -6.40 25.74
N SER B 73 -37.65 -9.78 26.37
CA SER B 73 -36.99 -11.09 26.42
C SER B 73 -35.49 -10.96 26.29
N PRO B 74 -34.79 -10.82 27.43
CA PRO B 74 -33.32 -10.69 27.38
C PRO B 74 -32.61 -11.90 26.81
N ASP B 75 -33.23 -13.09 26.83
CA ASP B 75 -32.58 -14.26 26.27
C ASP B 75 -32.36 -14.12 24.78
N LEU B 76 -33.37 -13.61 24.06
CA LEU B 76 -33.22 -13.42 22.62
C LEU B 76 -32.20 -12.34 22.31
N PHE B 77 -32.13 -11.28 23.12
CA PHE B 77 -31.12 -10.26 22.93
C PHE B 77 -29.72 -10.83 23.14
N ALA B 78 -29.55 -11.68 24.16
CA ALA B 78 -28.27 -12.31 24.39
C ALA B 78 -27.90 -13.25 23.25
N LYS B 79 -28.88 -13.97 22.71
CA LYS B 79 -28.62 -14.83 21.55
C LYS B 79 -28.18 -14.00 20.34
N GLN B 80 -28.84 -12.86 20.12
CA GLN B 80 -28.45 -11.98 19.02
C GLN B 80 -27.04 -11.42 19.24
N VAL B 81 -26.71 -11.07 20.48
CA VAL B 81 -25.37 -10.57 20.79
C VAL B 81 -24.33 -11.63 20.50
N TYR B 82 -24.60 -12.88 20.92
CA TYR B 82 -23.67 -13.97 20.66
C TYR B 82 -23.52 -14.22 19.16
N ARG B 83 -24.62 -14.16 18.42
CA ARG B 83 -24.54 -14.35 16.97
C ARG B 83 -23.73 -13.25 16.31
N ALA B 84 -23.92 -12.00 16.74
CA ALA B 84 -23.15 -10.90 16.17
C ALA B 84 -21.68 -11.02 16.50
N ARG B 85 -21.35 -11.41 17.73
CA ARG B 85 -19.95 -11.61 18.09
C ARG B 85 -19.32 -12.76 17.32
N LEU B 86 -20.07 -13.85 17.11
CA LEU B 86 -19.56 -14.95 16.31
C LEU B 86 -19.34 -14.52 14.86
N GLY B 87 -20.25 -13.71 14.31
CA GLY B 87 -20.05 -13.18 12.97
C GLY B 87 -18.84 -12.28 12.87
N ASP B 88 -18.60 -11.43 13.88
CA ASP B 88 -17.42 -10.60 13.90
C ASP B 88 -16.15 -11.43 13.99
N TRP B 89 -16.15 -12.48 14.82
CA TRP B 89 -15.03 -13.41 14.87
C TRP B 89 -14.82 -14.10 13.53
N LEU B 90 -15.90 -14.37 12.80
CA LEU B 90 -15.81 -15.06 11.52
C LEU B 90 -15.06 -14.25 10.49
N HIS B 91 -15.27 -12.93 10.45
CA HIS B 91 -14.67 -12.06 9.46
C HIS B 91 -13.31 -11.53 9.87
N GLY B 92 -12.80 -11.94 11.03
CA GLY B 92 -11.51 -11.47 11.50
C GLY B 92 -11.54 -10.15 12.25
N VAL B 93 -12.71 -9.55 12.42
CA VAL B 93 -12.82 -8.31 13.18
C VAL B 93 -12.44 -8.53 14.63
N ARG B 94 -12.93 -9.61 15.22
CA ARG B 94 -12.66 -9.91 16.63
C ARG B 94 -11.66 -11.06 16.74
N VAL B 112 -21.93 -1.94 26.67
CA VAL B 112 -21.84 -0.69 25.92
C VAL B 112 -23.16 -0.41 25.21
N GLU B 113 -23.66 0.81 25.37
CA GLU B 113 -24.96 1.17 24.79
C GLU B 113 -24.92 1.23 23.27
N ALA B 114 -23.79 1.67 22.68
CA ALA B 114 -23.73 1.80 21.23
C ALA B 114 -23.91 0.45 20.54
N GLU B 115 -23.23 -0.59 21.04
CA GLU B 115 -23.36 -1.91 20.43
C GLU B 115 -24.77 -2.46 20.60
N ARG B 116 -25.38 -2.25 21.77
CA ARG B 116 -26.74 -2.72 21.98
C ARG B 116 -27.72 -2.03 21.03
N LEU B 117 -27.58 -0.72 20.87
CA LEU B 117 -28.44 0.00 19.95
C LEU B 117 -28.21 -0.43 18.50
N ARG B 118 -26.95 -0.67 18.12
CA ARG B 118 -26.67 -1.14 16.77
C ARG B 118 -27.28 -2.51 16.52
N LEU B 119 -27.20 -3.41 17.49
CA LEU B 119 -27.78 -4.74 17.31
C LEU B 119 -29.30 -4.70 17.27
N ILE B 120 -29.92 -3.82 18.08
CA ILE B 120 -31.37 -3.68 18.00
C ILE B 120 -31.78 -3.09 16.65
N TYR B 121 -31.00 -2.12 16.15
CA TYR B 121 -31.22 -1.62 14.80
C TYR B 121 -31.12 -2.72 13.75
N LEU B 122 -30.11 -3.58 13.85
CA LEU B 122 -29.96 -4.67 12.89
C LEU B 122 -31.13 -5.63 12.97
N MET B 123 -31.59 -5.96 14.17
CA MET B 123 -32.75 -6.84 14.31
C MET B 123 -34.00 -6.19 13.72
N ILE B 124 -34.15 -4.88 13.88
CA ILE B 124 -35.30 -4.18 13.32
C ILE B 124 -35.22 -4.14 11.79
N THR B 125 -34.02 -3.97 11.24
CA THR B 125 -33.85 -3.66 9.83
C THR B 125 -33.60 -4.90 8.97
N LYS B 126 -32.82 -5.86 9.47
CA LYS B 126 -32.42 -7.00 8.65
C LYS B 126 -33.63 -7.81 8.23
N PRO B 127 -33.64 -8.36 7.01
CA PRO B 127 -34.80 -9.11 6.54
C PRO B 127 -34.99 -10.41 7.33
N HIS B 128 -36.23 -10.86 7.36
CA HIS B 128 -36.59 -12.07 8.10
C HIS B 128 -35.89 -13.32 7.57
N ASN B 129 -35.36 -13.28 6.35
CA ASN B 129 -34.63 -14.43 5.83
C ASN B 129 -33.37 -14.72 6.64
N GLU B 130 -32.66 -13.67 7.07
CA GLU B 130 -31.40 -13.83 7.82
C GLU B 130 -31.48 -13.01 9.10
N GLY B 131 -32.01 -13.61 10.16
CA GLY B 131 -31.95 -13.06 11.50
C GLY B 131 -32.49 -11.65 11.68
N GLY B 132 -33.80 -11.48 11.52
CA GLY B 132 -34.39 -10.17 11.73
C GLY B 132 -35.83 -10.14 11.28
N ALA B 133 -36.35 -8.93 11.10
CA ALA B 133 -37.68 -8.73 10.53
C ALA B 133 -37.64 -7.41 9.77
N GLY B 134 -37.40 -7.49 8.46
CA GLY B 134 -37.16 -6.31 7.65
C GLY B 134 -38.33 -5.35 7.60
N VAL B 135 -38.17 -4.20 8.27
CA VAL B 135 -39.17 -3.14 8.23
C VAL B 135 -38.48 -1.86 7.77
N THR B 136 -37.48 -2.00 6.91
CA THR B 136 -36.76 -0.85 6.40
C THR B 136 -37.72 0.08 5.65
N PRO B 137 -37.60 1.40 5.84
CA PRO B 137 -38.64 2.30 5.33
C PRO B 137 -38.76 2.34 3.82
N THR B 138 -37.67 2.16 3.08
CA THR B 138 -37.66 2.48 1.66
C THR B 138 -37.84 1.27 0.74
N ASN B 139 -37.53 0.06 1.20
CA ASN B 139 -37.50 -1.08 0.28
C ASN B 139 -38.89 -1.66 0.05
N ALA B 140 -39.53 -2.15 1.11
CA ALA B 140 -40.75 -2.91 0.98
C ALA B 140 -41.96 -1.97 0.93
N LYS B 141 -43.16 -2.55 0.94
CA LYS B 141 -44.39 -1.76 0.94
C LYS B 141 -44.62 -1.03 2.25
N TRP B 142 -43.88 -1.38 3.31
CA TRP B 142 -43.97 -0.68 4.59
C TRP B 142 -43.20 0.63 4.46
N LYS B 143 -43.73 1.52 3.63
CA LYS B 143 -43.12 2.81 3.37
C LYS B 143 -43.75 3.93 4.19
N HIS B 144 -44.66 3.60 5.11
CA HIS B 144 -45.31 4.62 5.92
C HIS B 144 -44.43 5.10 7.07
N VAL B 145 -43.35 4.38 7.39
CA VAL B 145 -42.40 4.86 8.38
C VAL B 145 -41.37 5.76 7.71
N GLU B 146 -41.01 6.84 8.38
CA GLU B 146 -40.08 7.83 7.83
C GLU B 146 -38.71 7.74 8.50
N SER B 147 -38.68 7.82 9.83
CA SER B 147 -37.42 7.88 10.56
C SER B 147 -37.32 6.67 11.47
N ILE B 148 -36.10 6.18 11.62
CA ILE B 148 -35.78 5.03 12.45
C ILE B 148 -34.75 5.53 13.45
N PHE B 149 -35.16 5.93 14.65
CA PHE B 149 -34.23 6.62 15.51
C PHE B 149 -34.35 6.23 16.98
N PRO B 150 -33.25 6.23 17.71
CA PRO B 150 -33.30 6.07 19.16
C PRO B 150 -33.51 7.42 19.84
N LEU B 151 -33.41 7.42 21.16
CA LEU B 151 -33.69 8.60 21.97
C LEU B 151 -32.41 9.14 22.60
N HIS B 152 -32.31 10.47 22.67
CA HIS B 152 -31.21 11.12 23.34
C HIS B 152 -31.34 10.99 24.85
N SER B 153 -30.20 10.96 25.54
CA SER B 153 -30.14 11.01 26.99
C SER B 153 -29.74 12.41 27.40
N HIS B 154 -30.71 13.20 27.87
CA HIS B 154 -30.45 14.60 28.22
C HIS B 154 -29.44 14.73 29.36
N SER B 155 -29.52 13.84 30.35
CA SER B 155 -28.57 13.89 31.46
C SER B 155 -27.15 13.68 30.97
N PHE B 156 -26.95 12.72 30.06
CA PHE B 156 -25.62 12.54 29.47
C PHE B 156 -25.23 13.73 28.60
N ASN B 157 -26.17 14.27 27.82
CA ASN B 157 -25.84 15.32 26.88
C ASN B 157 -25.40 16.60 27.59
N LYS B 158 -26.15 17.03 28.61
CA LYS B 158 -25.78 18.24 29.32
C LYS B 158 -24.45 18.10 30.04
N GLU B 159 -24.21 16.94 30.66
CA GLU B 159 -22.93 16.70 31.34
C GLU B 159 -21.78 16.68 30.34
N TRP B 160 -21.98 16.07 29.18
CA TRP B 160 -20.96 16.06 28.14
C TRP B 160 -20.64 17.48 27.66
N ILE B 161 -21.68 18.28 27.42
CA ILE B 161 -21.46 19.65 26.97
C ILE B 161 -20.74 20.46 28.04
N LYS B 162 -21.15 20.33 29.30
CA LYS B 162 -20.50 21.06 30.37
C LYS B 162 -19.05 20.65 30.55
N LYS B 163 -18.76 19.35 30.46
CA LYS B 163 -17.39 18.88 30.58
C LYS B 163 -16.51 19.35 29.44
N TRP B 164 -17.00 19.32 28.21
CA TRP B 164 -16.20 19.76 27.08
C TRP B 164 -16.07 21.27 26.99
N SER B 165 -17.02 22.03 27.53
CA SER B 165 -16.92 23.48 27.52
C SER B 165 -15.96 24.01 28.57
N SER B 166 -15.76 23.29 29.66
CA SER B 166 -14.89 23.73 30.74
C SER B 166 -13.46 23.23 30.61
N LYS B 167 -13.14 22.49 29.55
CA LYS B 167 -11.80 21.96 29.34
C LYS B 167 -11.06 22.77 28.29
N TYR B 168 -9.74 22.59 28.26
CA TYR B 168 -8.88 23.16 27.23
C TYR B 168 -8.40 22.12 26.23
N THR B 169 -8.07 20.93 26.68
CA THR B 169 -7.70 19.81 25.81
C THR B 169 -8.50 18.58 26.23
N LEU B 170 -8.80 17.75 25.24
CA LEU B 170 -9.61 16.56 25.44
C LEU B 170 -8.72 15.33 25.50
N GLU B 171 -8.81 14.59 26.60
CA GLU B 171 -8.10 13.32 26.72
C GLU B 171 -8.85 12.23 25.96
N GLN B 172 -8.25 11.04 25.90
CA GLN B 172 -8.86 9.94 25.16
C GLN B 172 -10.11 9.40 25.84
N THR B 173 -10.31 9.70 27.12
CA THR B 173 -11.50 9.23 27.81
C THR B 173 -12.77 9.83 27.22
N ASP B 174 -12.72 11.10 26.82
CA ASP B 174 -13.89 11.72 26.20
C ASP B 174 -14.24 11.04 24.88
N ILE B 175 -13.23 10.74 24.06
CA ILE B 175 -13.49 10.05 22.79
C ILE B 175 -13.99 8.64 23.05
N ASP B 176 -13.48 7.97 24.08
CA ASP B 176 -13.97 6.64 24.43
C ASP B 176 -15.44 6.70 24.86
N ASN B 177 -15.81 7.72 25.64
CA ASN B 177 -17.21 7.89 26.01
C ASN B 177 -18.09 8.14 24.79
N ILE B 178 -17.60 8.96 23.85
CA ILE B 178 -18.34 9.21 22.63
C ILE B 178 -18.53 7.91 21.85
N ARG B 179 -17.49 7.07 21.79
CA ARG B 179 -17.62 5.77 21.13
C ARG B 179 -18.64 4.89 21.85
N ASP B 180 -18.61 4.88 23.18
CA ASP B 180 -19.54 4.04 23.94
C ASP B 180 -20.98 4.49 23.77
N LYS B 181 -21.20 5.80 23.57
CA LYS B 181 -22.56 6.32 23.49
C LYS B 181 -23.10 6.42 22.07
N PHE B 182 -22.44 7.16 21.18
CA PHE B 182 -22.98 7.49 19.87
C PHE B 182 -22.41 6.63 18.76
N GLY B 183 -21.66 5.58 19.08
CA GLY B 183 -21.11 4.70 18.06
C GLY B 183 -19.71 5.06 17.64
N GLU B 184 -19.22 4.32 16.65
CA GLU B 184 -17.84 4.45 16.21
C GLU B 184 -17.64 5.50 15.13
N SER B 185 -18.66 5.81 14.33
CA SER B 185 -18.49 6.83 13.29
C SER B 185 -18.34 8.21 13.89
N VAL B 186 -19.22 8.58 14.83
CA VAL B 186 -19.12 9.87 15.50
C VAL B 186 -17.82 9.95 16.31
N ALA B 187 -17.45 8.85 16.97
CA ALA B 187 -16.21 8.82 17.72
C ALA B 187 -15.00 9.02 16.82
N PHE B 188 -15.00 8.37 15.65
CA PHE B 188 -13.90 8.55 14.72
C PHE B 188 -13.85 9.99 14.20
N TYR B 189 -15.00 10.59 13.92
CA TYR B 189 -15.00 11.99 13.49
C TYR B 189 -14.42 12.89 14.56
N PHE B 190 -14.83 12.69 15.81
CA PHE B 190 -14.33 13.55 16.88
C PHE B 190 -12.85 13.32 17.15
N ALA B 191 -12.40 12.07 17.04
CA ALA B 191 -10.97 11.79 17.17
C ALA B 191 -10.18 12.47 16.06
N PHE B 192 -10.68 12.42 14.83
CA PHE B 192 -10.01 13.09 13.72
C PHE B 192 -9.97 14.59 13.94
N LEU B 193 -11.08 15.17 14.41
CA LEU B 193 -11.12 16.61 14.65
C LEU B 193 -10.13 16.99 15.75
N ARG B 194 -10.09 16.23 16.84
CA ARG B 194 -9.16 16.52 17.92
C ARG B 194 -7.71 16.41 17.45
N SER B 195 -7.38 15.34 16.72
CA SER B 195 -6.02 15.16 16.24
C SER B 195 -5.63 16.26 15.26
N TYR B 196 -6.53 16.65 14.36
CA TYR B 196 -6.18 17.66 13.36
C TYR B 196 -6.08 19.03 13.99
N PHE B 197 -6.93 19.32 14.99
CA PHE B 197 -6.80 20.55 15.76
C PHE B 197 -5.47 20.60 16.50
N ARG B 198 -5.05 19.48 17.12
CA ARG B 198 -3.77 19.47 17.79
C ARG B 198 -2.61 19.63 16.82
N PHE B 199 -2.67 18.99 15.66
CA PHE B 199 -1.62 19.12 14.66
C PHE B 199 -1.61 20.49 13.99
N LEU B 200 -2.72 21.22 14.03
CA LEU B 200 -2.78 22.56 13.47
C LEU B 200 -1.98 23.58 14.27
N VAL B 201 -1.48 23.21 15.45
CA VAL B 201 -0.74 24.16 16.27
C VAL B 201 0.61 24.52 15.66
N ILE B 202 1.23 23.62 14.90
CA ILE B 202 2.52 23.92 14.29
C ILE B 202 2.29 24.77 13.04
N PRO B 203 1.33 24.42 12.17
CA PRO B 203 0.87 25.38 11.16
C PRO B 203 0.78 26.79 11.68
N SER B 204 0.03 27.02 12.76
CA SER B 204 -0.14 28.37 13.30
C SER B 204 1.19 28.94 13.77
N ALA B 205 2.02 28.12 14.42
CA ALA B 205 3.28 28.61 14.97
C ALA B 205 4.19 29.14 13.87
N PHE B 206 4.48 28.32 12.85
CA PHE B 206 5.38 28.83 11.83
C PHE B 206 4.68 29.75 10.84
N GLY B 207 3.34 29.75 10.77
CA GLY B 207 2.65 30.75 10.00
C GLY B 207 2.83 32.12 10.61
N PHE B 208 2.69 32.21 11.93
CA PHE B 208 2.97 33.46 12.63
C PHE B 208 4.44 33.84 12.49
N GLY B 209 5.34 32.85 12.57
CA GLY B 209 6.76 33.14 12.38
C GLY B 209 7.05 33.75 11.02
N ALA B 210 6.49 33.15 9.97
CA ALA B 210 6.67 33.68 8.61
C ALA B 210 5.99 35.02 8.41
N TRP B 211 4.80 35.22 8.98
CA TRP B 211 4.10 36.49 8.86
C TRP B 211 4.87 37.62 9.52
N LEU B 212 5.48 37.36 10.69
CA LEU B 212 6.23 38.39 11.37
C LEU B 212 7.57 38.66 10.69
N LEU B 213 8.27 37.61 10.26
CA LEU B 213 9.65 37.74 9.83
C LEU B 213 9.82 37.63 8.32
N LEU B 214 9.30 36.56 7.72
CA LEU B 214 9.61 36.21 6.34
C LEU B 214 8.83 37.02 5.32
N GLY B 215 8.19 38.11 5.71
CA GLY B 215 7.50 38.95 4.75
C GLY B 215 6.31 38.23 4.16
N GLN B 216 6.24 38.19 2.83
CA GLN B 216 5.12 37.60 2.11
C GLN B 216 5.61 36.57 1.12
N PHE B 217 4.85 35.48 0.96
CA PHE B 217 5.11 34.44 -0.04
C PHE B 217 6.50 33.82 0.15
N SER B 218 6.68 33.17 1.29
CA SER B 218 7.95 32.53 1.61
C SER B 218 7.95 31.08 1.14
N TYR B 219 9.01 30.70 0.43
CA TYR B 219 9.18 29.33 -0.01
C TYR B 219 9.37 28.39 1.18
N LEU B 220 10.05 28.86 2.22
CA LEU B 220 10.26 28.05 3.42
C LEU B 220 8.93 27.69 4.07
N TYR B 221 7.99 28.64 4.12
CA TYR B 221 6.67 28.34 4.65
C TYR B 221 5.95 27.29 3.81
N ALA B 222 6.09 27.35 2.48
CA ALA B 222 5.48 26.35 1.62
C ALA B 222 6.05 24.96 1.90
N LEU B 223 7.38 24.87 2.04
CA LEU B 223 7.99 23.59 2.34
C LEU B 223 7.54 23.07 3.70
N LEU B 224 7.48 23.93 4.70
CA LEU B 224 7.02 23.52 6.02
C LEU B 224 5.57 23.08 6.00
N CYS B 225 4.72 23.77 5.24
CA CYS B 225 3.32 23.38 5.14
C CYS B 225 3.18 22.01 4.48
N GLY B 226 3.94 21.76 3.41
CA GLY B 226 3.90 20.44 2.80
C GLY B 226 4.37 19.35 3.73
N LEU B 227 5.46 19.61 4.46
CA LEU B 227 5.97 18.63 5.42
C LEU B 227 4.94 18.36 6.51
N TRP B 228 4.30 19.41 7.02
CA TRP B 228 3.27 19.21 8.04
C TRP B 228 2.09 18.42 7.48
N SER B 229 1.68 18.70 6.25
CA SER B 229 0.58 17.96 5.67
C SER B 229 0.90 16.47 5.60
N VAL B 230 2.10 16.13 5.13
CA VAL B 230 2.50 14.74 5.05
C VAL B 230 2.54 14.11 6.44
N VAL B 231 3.16 14.80 7.40
CA VAL B 231 3.30 14.25 8.75
C VAL B 231 1.94 14.03 9.38
N PHE B 232 1.03 15.00 9.26
CA PHE B 232 -0.30 14.86 9.82
C PHE B 232 -1.07 13.73 9.17
N PHE B 233 -0.99 13.61 7.84
CA PHE B 233 -1.71 12.53 7.16
C PHE B 233 -1.22 11.17 7.64
N GLU B 234 0.10 10.96 7.66
CA GLU B 234 0.62 9.66 8.06
C GLU B 234 0.35 9.37 9.53
N TYR B 235 0.51 10.37 10.39
CA TYR B 235 0.24 10.16 11.81
C TYR B 235 -1.22 9.90 12.08
N TRP B 236 -2.13 10.52 11.31
CA TRP B 236 -3.54 10.22 11.48
C TRP B 236 -3.87 8.83 10.96
N LYS B 237 -3.19 8.36 9.92
CA LYS B 237 -3.37 6.97 9.51
C LYS B 237 -2.93 6.02 10.62
N LYS B 238 -1.80 6.31 11.26
CA LYS B 238 -1.35 5.49 12.37
C LYS B 238 -2.34 5.52 13.53
N GLN B 239 -2.85 6.70 13.86
CA GLN B 239 -3.86 6.82 14.92
C GLN B 239 -5.14 6.08 14.54
N GLU B 240 -5.53 6.11 13.28
CA GLU B 240 -6.69 5.36 12.80
C GLU B 240 -6.51 3.87 13.03
N VAL B 241 -5.33 3.34 12.69
CA VAL B 241 -5.06 1.92 12.91
C VAL B 241 -5.11 1.61 14.40
N ASP B 242 -4.48 2.46 15.22
CA ASP B 242 -4.45 2.23 16.66
C ASP B 242 -5.86 2.26 17.27
N LEU B 243 -6.70 3.19 16.82
CA LEU B 243 -8.06 3.28 17.32
C LEU B 243 -8.94 2.14 16.85
N ALA B 244 -8.76 1.70 15.60
CA ALA B 244 -9.49 0.53 15.13
C ALA B 244 -9.13 -0.72 15.93
N VAL B 245 -7.84 -0.88 16.26
CA VAL B 245 -7.45 -2.00 17.11
C VAL B 245 -8.04 -1.84 18.51
N GLN B 246 -7.97 -0.63 19.07
CA GLN B 246 -8.42 -0.41 20.44
C GLN B 246 -9.92 -0.62 20.58
N TRP B 247 -10.71 -0.12 19.64
CA TRP B 247 -12.16 -0.23 19.73
C TRP B 247 -12.69 -1.56 19.22
N GLY B 248 -11.84 -2.45 18.74
CA GLY B 248 -12.30 -3.71 18.21
C GLY B 248 -13.11 -3.59 16.94
N VAL B 249 -12.76 -2.64 16.07
CA VAL B 249 -13.47 -2.44 14.81
C VAL B 249 -12.48 -2.56 13.67
N ARG B 250 -11.35 -3.21 13.93
CA ARG B 250 -10.31 -3.40 12.91
C ARG B 250 -10.81 -4.39 11.87
N GLY B 251 -11.03 -3.93 10.65
CA GLY B 251 -11.50 -4.76 9.57
C GLY B 251 -13.00 -4.72 9.31
N VAL B 252 -13.73 -3.79 9.92
CA VAL B 252 -15.16 -3.69 9.67
C VAL B 252 -15.44 -3.29 8.23
N SER B 253 -14.59 -2.45 7.65
CA SER B 253 -14.78 -2.02 6.27
C SER B 253 -14.75 -3.17 5.29
N SER B 254 -14.13 -4.30 5.64
CA SER B 254 -14.13 -5.46 4.78
C SER B 254 -15.51 -6.11 4.68
N ILE B 255 -16.37 -5.88 5.66
CA ILE B 255 -17.72 -6.45 5.64
C ILE B 255 -18.57 -5.60 4.70
N GLN B 256 -19.18 -6.23 3.70
CA GLN B 256 -20.04 -5.55 2.74
C GLN B 256 -21.48 -5.64 3.22
N GLN B 257 -22.10 -4.49 3.46
CA GLN B 257 -23.49 -4.45 3.92
C GLN B 257 -24.39 -4.04 2.76
N SER B 258 -25.40 -4.87 2.48
CA SER B 258 -26.29 -4.62 1.37
C SER B 258 -27.25 -3.47 1.69
N ARG B 259 -27.55 -2.69 0.65
CA ARG B 259 -28.46 -1.56 0.74
C ARG B 259 -29.91 -2.01 0.56
N PRO B 260 -30.80 -1.66 1.48
CA PRO B 260 -32.22 -1.99 1.28
C PRO B 260 -32.80 -1.36 0.03
N GLU B 261 -32.30 -0.20 -0.38
CA GLU B 261 -32.82 0.50 -1.56
C GLU B 261 -32.25 -0.04 -2.86
N PHE B 262 -31.36 -1.02 -2.81
CA PHE B 262 -30.80 -1.59 -4.02
C PHE B 262 -31.88 -2.24 -4.87
N GLU B 263 -31.85 -1.95 -6.17
CA GLU B 263 -32.81 -2.51 -7.12
C GLU B 263 -32.06 -3.43 -8.08
N TRP B 264 -32.53 -4.67 -8.19
CA TRP B 264 -31.90 -5.68 -9.01
C TRP B 264 -32.87 -6.22 -10.05
N GLU B 265 -32.31 -6.68 -11.17
CA GLU B 265 -33.09 -7.23 -12.27
C GLU B 265 -33.21 -8.75 -12.20
N HIS B 266 -32.09 -9.45 -12.03
CA HIS B 266 -32.06 -10.90 -11.94
C HIS B 266 -31.39 -11.31 -10.63
N GLU B 267 -31.30 -12.62 -10.42
CA GLU B 267 -30.67 -13.19 -9.24
C GLU B 267 -29.83 -14.38 -9.65
N ALA B 268 -28.63 -14.48 -9.12
CA ALA B 268 -27.72 -15.57 -9.45
C ALA B 268 -27.05 -16.14 -8.20
N LYS B 278 -29.22 -11.23 -6.27
CA LYS B 278 -29.42 -9.83 -6.64
C LYS B 278 -28.25 -9.31 -7.45
N VAL B 279 -28.42 -9.26 -8.77
CA VAL B 279 -27.38 -8.79 -9.69
C VAL B 279 -27.96 -7.67 -10.55
N TYR B 280 -27.19 -6.59 -10.66
CA TYR B 280 -27.53 -5.45 -11.50
C TYR B 280 -26.59 -5.38 -12.69
N PRO B 281 -27.12 -5.18 -13.90
CA PRO B 281 -26.26 -5.08 -15.08
C PRO B 281 -25.29 -3.91 -14.96
N PRO B 282 -23.98 -4.20 -14.95
CA PRO B 282 -23.00 -3.10 -14.80
C PRO B 282 -23.05 -2.08 -15.91
N MET B 283 -23.52 -2.45 -17.10
CA MET B 283 -23.61 -1.48 -18.19
C MET B 283 -24.58 -0.35 -17.87
N LYS B 284 -25.71 -0.67 -17.24
CA LYS B 284 -26.65 0.38 -16.83
C LYS B 284 -26.02 1.31 -15.80
N ARG B 285 -25.26 0.75 -14.84
CA ARG B 285 -24.60 1.57 -13.85
C ARG B 285 -23.55 2.48 -14.49
N VAL B 286 -22.80 1.96 -15.47
CA VAL B 286 -21.82 2.79 -16.16
C VAL B 286 -22.51 3.89 -16.97
N LYS B 287 -23.62 3.56 -17.62
CA LYS B 287 -24.38 4.56 -18.36
C LYS B 287 -24.88 5.66 -17.45
N THR B 288 -25.39 5.31 -16.27
CA THR B 288 -25.82 6.33 -15.32
C THR B 288 -24.65 7.13 -14.77
N GLN B 289 -23.51 6.49 -14.52
CA GLN B 289 -22.32 7.19 -14.05
C GLN B 289 -21.82 8.19 -15.07
N LEU B 290 -21.96 7.86 -16.36
CA LEU B 290 -21.53 8.78 -17.41
C LEU B 290 -22.29 10.10 -17.39
N LEU B 291 -23.45 10.15 -16.75
CA LEU B 291 -24.16 11.41 -16.60
C LEU B 291 -23.46 12.40 -15.67
N GLN B 292 -22.46 11.93 -14.91
CA GLN B 292 -21.73 12.84 -14.02
C GLN B 292 -20.84 13.79 -14.79
N ILE B 293 -20.28 13.36 -15.92
CA ILE B 293 -19.35 14.18 -16.70
C ILE B 293 -20.05 15.43 -17.22
N PRO B 294 -21.21 15.34 -17.90
CA PRO B 294 -21.88 16.58 -18.31
C PRO B 294 -22.31 17.44 -17.14
N PHE B 295 -22.74 16.83 -16.04
CA PHE B 295 -23.11 17.60 -14.85
C PHE B 295 -21.90 18.34 -14.29
N ALA B 296 -20.76 17.65 -14.20
CA ALA B 296 -19.54 18.30 -13.71
C ALA B 296 -19.11 19.43 -14.64
N LEU B 297 -19.18 19.22 -15.95
CA LEU B 297 -18.78 20.27 -16.89
C LEU B 297 -19.72 21.47 -16.81
N ALA B 298 -21.02 21.24 -16.71
CA ALA B 298 -21.96 22.34 -16.61
C ALA B 298 -21.75 23.13 -15.31
N CYS B 299 -21.51 22.42 -14.20
CA CYS B 299 -21.24 23.10 -12.95
C CYS B 299 -19.95 23.90 -13.02
N VAL B 300 -18.92 23.34 -13.66
CA VAL B 300 -17.67 24.07 -13.87
C VAL B 300 -17.94 25.35 -14.65
N VAL B 301 -18.69 25.25 -15.75
CA VAL B 301 -18.93 26.41 -16.59
C VAL B 301 -19.69 27.48 -15.82
N ALA B 302 -20.76 27.09 -15.12
CA ALA B 302 -21.58 28.07 -14.42
C ALA B 302 -20.80 28.74 -13.29
N LEU B 303 -20.14 27.94 -12.45
CA LEU B 303 -19.40 28.51 -11.33
C LEU B 303 -18.20 29.33 -11.80
N GLY B 304 -17.53 28.90 -12.87
CA GLY B 304 -16.45 29.69 -13.41
C GLY B 304 -16.91 31.01 -13.98
N ALA B 305 -18.07 31.02 -14.65
CA ALA B 305 -18.62 32.29 -15.12
C ALA B 305 -18.97 33.20 -13.95
N LEU B 306 -19.55 32.64 -12.88
CA LEU B 306 -19.86 33.45 -11.70
C LEU B 306 -18.60 34.03 -11.08
N ILE B 307 -17.56 33.21 -10.92
CA ILE B 307 -16.31 33.70 -10.33
C ILE B 307 -15.66 34.74 -11.23
N VAL B 308 -15.70 34.53 -12.55
CA VAL B 308 -15.08 35.47 -13.47
C VAL B 308 -15.79 36.82 -13.41
N THR B 309 -17.12 36.82 -13.41
CA THR B 309 -17.83 38.09 -13.36
C THR B 309 -17.67 38.78 -12.01
N CYS B 310 -17.64 38.02 -10.90
CA CYS B 310 -17.39 38.65 -9.61
C CYS B 310 -15.99 39.23 -9.53
N ASN B 311 -14.99 38.51 -10.05
CA ASN B 311 -13.63 39.02 -10.07
C ASN B 311 -13.51 40.27 -10.92
N SER B 312 -14.16 40.29 -12.09
CA SER B 312 -14.15 41.47 -12.94
C SER B 312 -14.81 42.65 -12.24
N LEU B 313 -15.95 42.41 -11.57
CA LEU B 313 -16.60 43.49 -10.84
C LEU B 313 -15.72 44.03 -9.73
N GLU B 314 -15.05 43.15 -8.98
CA GLU B 314 -14.20 43.63 -7.89
C GLU B 314 -12.98 44.37 -8.42
N VAL B 315 -12.41 43.93 -9.55
CA VAL B 315 -11.31 44.66 -10.16
C VAL B 315 -11.78 46.04 -10.62
N PHE B 316 -12.97 46.10 -11.23
CA PHE B 316 -13.48 47.38 -11.71
C PHE B 316 -13.71 48.35 -10.55
N ILE B 317 -14.31 47.88 -9.47
CA ILE B 317 -14.56 48.79 -8.35
C ILE B 317 -13.26 49.16 -7.64
N ASN B 318 -12.27 48.27 -7.59
CA ASN B 318 -10.96 48.64 -7.06
C ASN B 318 -10.26 49.67 -7.93
N GLU B 319 -10.43 49.62 -9.24
CA GLU B 319 -9.79 50.56 -10.15
C GLU B 319 -10.62 51.80 -10.43
N VAL B 320 -11.84 51.89 -9.89
CA VAL B 320 -12.70 53.03 -10.15
C VAL B 320 -13.06 53.73 -8.84
N TYR B 321 -13.70 52.99 -7.92
CA TYR B 321 -14.16 53.57 -6.68
C TYR B 321 -12.98 53.96 -5.80
N SER B 322 -13.07 55.14 -5.18
CA SER B 322 -12.01 55.63 -4.28
C SER B 322 -12.27 55.20 -2.84
N GLY B 323 -13.50 55.37 -2.36
CA GLY B 323 -13.85 54.99 -1.02
C GLY B 323 -13.16 55.84 0.02
N PRO B 324 -12.87 55.25 1.19
CA PRO B 324 -12.21 55.95 2.29
C PRO B 324 -10.68 55.91 2.17
N GLN B 327 -10.61 50.29 -0.50
CA GLN B 327 -10.40 49.85 0.88
C GLN B 327 -10.99 48.46 1.11
N TYR B 328 -11.79 48.34 2.17
CA TYR B 328 -12.44 47.07 2.49
C TYR B 328 -13.54 46.71 1.50
N LEU B 329 -14.16 47.70 0.86
CA LEU B 329 -15.20 47.44 -0.12
C LEU B 329 -14.66 46.80 -1.39
N GLY B 330 -13.35 46.88 -1.64
CA GLY B 330 -12.76 46.30 -2.83
C GLY B 330 -13.00 44.82 -2.98
N PHE B 331 -13.12 44.10 -1.86
CA PHE B 331 -13.45 42.69 -1.87
C PHE B 331 -14.88 42.42 -1.41
N LEU B 332 -15.76 43.41 -1.55
CA LEU B 332 -17.17 43.25 -1.25
C LEU B 332 -17.83 42.17 -2.13
N PRO B 333 -17.59 42.13 -3.44
CA PRO B 333 -18.22 41.08 -4.25
C PRO B 333 -17.89 39.67 -3.79
N THR B 334 -16.60 39.32 -3.70
CA THR B 334 -16.22 37.96 -3.33
C THR B 334 -16.78 37.57 -1.98
N ILE B 335 -16.82 38.51 -1.02
CA ILE B 335 -17.43 38.22 0.28
C ILE B 335 -18.85 37.73 0.08
N PHE B 336 -19.62 38.44 -0.73
CA PHE B 336 -20.99 38.00 -1.02
C PHE B 336 -20.97 36.61 -1.64
N LEU B 337 -20.04 36.36 -2.55
CA LEU B 337 -19.90 35.02 -3.13
C LEU B 337 -19.72 34.00 -2.02
N VAL B 338 -18.86 34.30 -1.05
CA VAL B 338 -18.69 33.39 0.09
C VAL B 338 -20.01 33.20 0.82
N ILE B 339 -20.73 34.30 1.06
CA ILE B 339 -22.04 34.19 1.69
C ILE B 339 -22.98 33.40 0.80
N GLY B 340 -22.82 33.50 -0.51
CA GLY B 340 -23.62 32.69 -1.41
C GLY B 340 -23.16 31.27 -1.56
N THR B 341 -21.96 30.94 -1.07
CA THR B 341 -21.44 29.59 -1.24
C THR B 341 -22.30 28.51 -0.58
N PRO B 342 -22.71 28.64 0.69
CA PRO B 342 -23.50 27.57 1.31
C PRO B 342 -24.85 27.33 0.67
N THR B 343 -25.39 28.31 -0.07
CA THR B 343 -26.70 28.13 -0.69
C THR B 343 -26.60 27.32 -1.98
N ILE B 344 -25.92 27.88 -2.99
CA ILE B 344 -25.90 27.24 -4.30
C ILE B 344 -25.25 25.88 -4.22
N SER B 345 -24.05 25.80 -3.63
CA SER B 345 -23.40 24.51 -3.44
C SER B 345 -24.34 23.55 -2.72
N GLY B 346 -25.09 24.05 -1.75
CA GLY B 346 -26.04 23.21 -1.05
C GLY B 346 -26.99 22.51 -2.00
N VAL B 347 -27.63 23.27 -2.89
CA VAL B 347 -28.55 22.62 -3.82
C VAL B 347 -27.78 21.69 -4.74
N LEU B 348 -26.55 22.07 -5.11
CA LEU B 348 -25.70 21.16 -5.88
C LEU B 348 -25.52 19.85 -5.15
N MET B 349 -25.26 19.91 -3.84
CA MET B 349 -25.14 18.70 -3.05
C MET B 349 -26.39 17.85 -3.20
N GLY B 350 -27.57 18.48 -3.12
CA GLY B 350 -28.80 17.75 -3.32
C GLY B 350 -28.82 17.05 -4.66
N ALA B 351 -28.46 17.78 -5.73
CA ALA B 351 -28.38 17.17 -7.04
C ALA B 351 -27.44 15.97 -7.01
N ALA B 352 -26.30 16.11 -6.34
CA ALA B 352 -25.36 15.00 -6.21
C ALA B 352 -26.06 13.78 -5.62
N GLU B 353 -26.78 13.96 -4.51
CA GLU B 353 -27.45 12.81 -3.92
C GLU B 353 -28.52 12.27 -4.85
N LYS B 354 -29.21 13.14 -5.60
CA LYS B 354 -30.13 12.66 -6.62
C LYS B 354 -29.38 11.86 -7.68
N LEU B 355 -28.21 12.34 -8.10
CA LEU B 355 -27.39 11.59 -9.03
C LEU B 355 -26.92 10.27 -8.43
N ASN B 356 -26.90 10.16 -7.10
CA ASN B 356 -26.57 8.90 -6.45
C ASN B 356 -27.79 8.03 -6.20
N ALA B 357 -29.00 8.56 -6.43
CA ALA B 357 -30.19 7.74 -6.25
C ALA B 357 -30.47 6.89 -7.48
N MET B 358 -30.46 7.50 -8.67
CA MET B 358 -30.62 6.76 -9.91
C MET B 358 -29.39 5.96 -10.28
N GLU B 359 -28.25 6.20 -9.63
CA GLU B 359 -27.02 5.43 -9.82
C GLU B 359 -27.05 4.32 -8.77
N ASN B 360 -27.66 3.19 -9.13
CA ASN B 360 -27.96 2.15 -8.16
C ASN B 360 -26.68 1.48 -7.67
N TYR B 361 -26.55 1.34 -6.36
CA TYR B 361 -25.38 0.73 -5.74
C TYR B 361 -25.80 -0.43 -4.86
N ALA B 362 -25.05 -1.53 -4.96
CA ALA B 362 -25.39 -2.74 -4.22
C ALA B 362 -25.05 -2.63 -2.73
N THR B 363 -23.91 -2.06 -2.39
CA THR B 363 -23.43 -2.02 -1.02
C THR B 363 -23.47 -0.61 -0.46
N VAL B 364 -23.53 -0.53 0.87
CA VAL B 364 -23.53 0.76 1.55
C VAL B 364 -22.19 1.47 1.34
N ASP B 365 -21.09 0.72 1.40
CA ASP B 365 -19.77 1.35 1.28
C ASP B 365 -19.58 2.00 -0.08
N ALA B 366 -19.98 1.34 -1.16
CA ALA B 366 -19.81 1.91 -2.48
C ALA B 366 -20.67 3.15 -2.67
N HIS B 367 -21.91 3.11 -2.20
CA HIS B 367 -22.79 4.27 -2.30
C HIS B 367 -22.23 5.45 -1.52
N ASP B 368 -21.75 5.19 -0.29
CA ASP B 368 -21.16 6.25 0.51
C ASP B 368 -19.91 6.82 -0.16
N ALA B 369 -19.07 5.95 -0.74
CA ALA B 369 -17.86 6.43 -1.41
C ALA B 369 -18.21 7.30 -2.61
N ALA B 370 -19.21 6.90 -3.40
CA ALA B 370 -19.62 7.71 -4.54
C ALA B 370 -20.17 9.06 -4.09
N LEU B 371 -21.00 9.05 -3.04
CA LEU B 371 -21.54 10.31 -2.53
C LEU B 371 -20.43 11.22 -2.02
N ILE B 372 -19.47 10.66 -1.31
CA ILE B 372 -18.34 11.45 -0.82
C ILE B 372 -17.54 12.02 -1.98
N GLN B 373 -17.31 11.22 -3.02
CA GLN B 373 -16.54 11.70 -4.17
C GLN B 373 -17.25 12.87 -4.84
N LYS B 374 -18.56 12.73 -5.10
CA LYS B 374 -19.29 13.81 -5.75
C LYS B 374 -19.34 15.06 -4.88
N GLN B 375 -19.62 14.91 -3.58
CA GLN B 375 -19.68 16.05 -2.69
C GLN B 375 -18.33 16.73 -2.56
N PHE B 376 -17.25 15.94 -2.49
CA PHE B 376 -15.92 16.52 -2.40
C PHE B 376 -15.57 17.28 -3.66
N VAL B 377 -15.91 16.75 -4.84
CA VAL B 377 -15.63 17.46 -6.08
C VAL B 377 -16.39 18.78 -6.11
N LEU B 378 -17.68 18.76 -5.75
CA LEU B 378 -18.47 19.98 -5.78
C LEU B 378 -17.95 21.02 -4.80
N ASN B 379 -17.62 20.60 -3.57
CA ASN B 379 -17.12 21.53 -2.58
C ASN B 379 -15.73 22.05 -2.94
N PHE B 380 -14.86 21.19 -3.47
CA PHE B 380 -13.57 21.65 -3.99
C PHE B 380 -13.78 22.75 -5.01
N MET B 381 -14.70 22.54 -5.96
CA MET B 381 -15.00 23.56 -6.94
C MET B 381 -15.41 24.86 -6.27
N THR B 382 -16.55 24.83 -5.56
CA THR B 382 -17.13 26.04 -4.98
C THR B 382 -16.24 26.72 -3.95
N SER B 383 -15.26 26.03 -3.37
CA SER B 383 -14.45 26.61 -2.33
C SER B 383 -13.03 26.95 -2.75
N TYR B 384 -12.56 26.45 -3.88
CA TYR B 384 -11.19 26.70 -4.30
C TYR B 384 -11.04 27.29 -5.70
N MET B 385 -12.07 27.23 -6.55
CA MET B 385 -11.83 27.65 -7.92
C MET B 385 -11.72 29.17 -8.03
N ALA B 386 -12.34 29.92 -7.12
CA ALA B 386 -12.12 31.36 -7.10
C ALA B 386 -10.67 31.71 -6.80
N LEU B 387 -10.09 31.07 -5.78
CA LEU B 387 -8.68 31.28 -5.48
C LEU B 387 -7.78 30.79 -6.61
N PHE B 388 -8.17 29.69 -7.26
CA PHE B 388 -7.40 29.18 -8.40
C PHE B 388 -7.39 30.20 -9.53
N PHE B 389 -8.55 30.80 -9.82
CA PHE B 389 -8.61 31.85 -10.84
C PHE B 389 -7.76 33.05 -10.45
N THR B 390 -7.82 33.44 -9.18
CA THR B 390 -7.02 34.59 -8.73
C THR B 390 -5.53 34.31 -8.85
N ALA B 391 -5.10 33.08 -8.54
CA ALA B 391 -3.68 32.79 -8.43
C ALA B 391 -3.07 32.43 -9.79
N PHE B 392 -3.72 31.55 -10.55
CA PHE B 392 -3.11 30.96 -11.73
C PHE B 392 -3.71 31.44 -13.05
N VAL B 393 -4.61 32.43 -13.02
CA VAL B 393 -5.16 33.01 -14.22
C VAL B 393 -5.00 34.52 -14.25
N TYR B 394 -5.50 35.20 -13.22
CA TYR B 394 -5.38 36.66 -13.16
C TYR B 394 -3.93 37.08 -12.94
N ILE B 395 -3.27 36.48 -11.95
CA ILE B 395 -1.91 36.86 -11.57
C ILE B 395 -0.92 36.63 -12.71
N PRO B 396 -0.88 35.46 -13.35
CA PRO B 396 0.11 35.27 -14.42
C PRO B 396 -0.17 36.12 -15.65
N PHE B 397 -1.39 36.08 -16.18
CA PHE B 397 -1.75 36.87 -17.36
C PHE B 397 -3.15 37.45 -17.14
N GLY B 398 -3.19 38.68 -16.66
CA GLY B 398 -4.45 39.35 -16.38
C GLY B 398 -4.95 40.20 -17.52
N HIS B 399 -4.42 39.97 -18.72
CA HIS B 399 -4.82 40.71 -19.91
C HIS B 399 -6.07 40.15 -20.56
N ILE B 400 -6.60 39.04 -20.07
CA ILE B 400 -7.80 38.42 -20.63
C ILE B 400 -9.07 38.86 -19.92
N LEU B 401 -8.98 39.49 -18.76
CA LEU B 401 -10.15 40.00 -18.06
C LEU B 401 -10.57 41.38 -18.53
N HIS B 402 -9.79 41.99 -19.43
CA HIS B 402 -10.15 43.31 -19.94
C HIS B 402 -11.51 43.40 -20.63
N PRO B 403 -11.94 42.44 -21.45
CA PRO B 403 -13.29 42.55 -22.04
C PRO B 403 -14.40 42.65 -21.00
N PHE B 404 -14.29 41.90 -19.90
CA PHE B 404 -15.28 42.00 -18.84
C PHE B 404 -15.24 43.36 -18.16
N LEU B 405 -14.05 43.90 -17.94
CA LEU B 405 -13.94 45.24 -17.37
C LEU B 405 -14.57 46.29 -18.29
N ASN B 406 -14.35 46.17 -19.60
CA ASN B 406 -14.98 47.09 -20.54
C ASN B 406 -16.50 46.93 -20.54
N PHE B 407 -16.98 45.68 -20.40
CA PHE B 407 -18.42 45.46 -20.29
C PHE B 407 -18.98 46.14 -19.05
N TRP B 408 -18.27 46.07 -17.93
CA TRP B 408 -18.73 46.74 -16.72
C TRP B 408 -18.81 48.25 -16.91
N ARG B 409 -17.82 48.84 -17.58
CA ARG B 409 -17.81 50.27 -17.82
C ARG B 409 -18.78 50.64 -18.95
N ILE B 429 -1.22 45.41 -12.45
CA ILE B 429 -1.54 44.14 -11.81
C ILE B 429 -1.04 44.13 -10.37
N ASN B 430 -1.92 43.77 -9.44
CA ASN B 430 -1.58 43.73 -8.02
C ASN B 430 -1.14 42.33 -7.66
N PRO B 431 0.11 42.12 -7.22
CA PRO B 431 0.54 40.77 -6.87
C PRO B 431 0.27 40.40 -5.41
N ALA B 432 -0.07 41.39 -4.59
CA ALA B 432 -0.44 41.16 -3.21
C ALA B 432 -1.95 41.01 -3.01
N ARG B 433 -2.72 41.08 -4.11
CA ARG B 433 -4.16 40.97 -4.00
C ARG B 433 -4.58 39.59 -3.51
N ILE B 434 -3.95 38.54 -4.02
CA ILE B 434 -4.35 37.17 -3.68
C ILE B 434 -4.30 36.96 -2.17
N SER B 435 -3.25 37.45 -1.52
CA SER B 435 -3.15 37.36 -0.07
C SER B 435 -4.41 37.93 0.59
N ASN B 436 -4.83 39.12 0.17
CA ASN B 436 -6.05 39.70 0.73
C ASN B 436 -7.24 38.79 0.48
N GLN B 437 -7.34 38.23 -0.74
CA GLN B 437 -8.40 37.26 -1.01
C GLN B 437 -8.31 36.07 -0.07
N MET B 438 -7.09 35.57 0.18
CA MET B 438 -6.93 34.47 1.11
C MET B 438 -7.40 34.84 2.51
N PHE B 439 -7.37 36.13 2.87
CA PHE B 439 -7.98 36.55 4.12
C PHE B 439 -9.49 36.38 4.06
N TYR B 440 -10.12 36.88 3.01
CA TYR B 440 -11.57 36.86 2.92
C TYR B 440 -12.12 35.47 2.61
N PHE B 441 -11.27 34.54 2.20
CA PHE B 441 -11.66 33.14 2.07
C PHE B 441 -11.25 32.32 3.28
N THR B 442 -10.81 32.96 4.36
CA THR B 442 -10.46 32.26 5.59
C THR B 442 -11.36 32.64 6.75
N VAL B 443 -11.54 33.93 7.03
CA VAL B 443 -12.34 34.34 8.17
C VAL B 443 -13.83 34.42 7.83
N THR B 444 -14.19 34.67 6.58
CA THR B 444 -15.58 34.79 6.19
C THR B 444 -16.29 33.44 6.05
N PRO B 445 -15.74 32.46 5.32
CA PRO B 445 -16.47 31.19 5.15
C PRO B 445 -16.74 30.46 6.45
N GLN B 446 -15.86 30.54 7.44
CA GLN B 446 -16.13 29.89 8.72
C GLN B 446 -17.19 30.64 9.53
N ILE B 447 -17.13 31.98 9.56
CA ILE B 447 -18.08 32.76 10.34
C ILE B 447 -19.51 32.47 9.87
N VAL B 448 -19.74 32.57 8.55
CA VAL B 448 -21.05 32.22 8.02
C VAL B 448 -21.35 30.75 8.29
N ASN B 449 -20.33 29.89 8.26
CA ASN B 449 -20.54 28.50 8.65
C ASN B 449 -21.06 28.41 10.07
N PHE B 450 -20.52 29.24 10.97
CA PHE B 450 -21.10 29.36 12.30
C PHE B 450 -22.57 29.71 12.22
N ALA B 451 -22.91 30.75 11.43
CA ALA B 451 -24.31 31.11 11.24
C ALA B 451 -25.10 29.98 10.60
N THR B 452 -24.44 29.10 9.84
CA THR B 452 -25.11 27.95 9.28
C THR B 452 -25.34 26.87 10.33
N GLU B 453 -24.42 26.73 11.28
CA GLU B 453 -24.43 25.58 12.17
C GLU B 453 -25.22 25.83 13.46
N VAL B 454 -24.83 26.83 14.24
CA VAL B 454 -25.40 27.02 15.56
C VAL B 454 -26.24 28.30 15.68
N VAL B 455 -25.96 29.35 14.91
CA VAL B 455 -26.74 30.57 15.03
C VAL B 455 -28.15 30.36 14.49
N VAL B 456 -28.27 29.67 13.36
CA VAL B 456 -29.58 29.39 12.76
C VAL B 456 -29.97 27.94 13.01
N GLU B 482 -49.17 12.40 33.40
CA GLU B 482 -48.47 11.24 33.97
C GLU B 482 -47.20 10.93 33.20
N GLU B 483 -47.25 11.11 31.88
CA GLU B 483 -46.07 10.92 31.03
C GLU B 483 -46.02 11.94 29.91
N ALA B 484 -46.68 13.09 30.06
CA ALA B 484 -46.77 14.07 28.99
C ALA B 484 -45.43 14.68 28.62
N GLU B 485 -44.55 14.93 29.61
CA GLU B 485 -43.27 15.57 29.32
C GLU B 485 -42.41 14.69 28.42
N PHE B 486 -42.33 13.39 28.71
CA PHE B 486 -41.52 12.50 27.88
C PHE B 486 -42.10 12.38 26.47
N LEU B 487 -43.43 12.25 26.36
CA LEU B 487 -44.05 12.16 25.04
C LEU B 487 -43.81 13.43 24.24
N GLN B 488 -43.93 14.59 24.87
CA GLN B 488 -43.62 15.85 24.18
C GLN B 488 -42.17 15.92 23.77
N ARG B 489 -41.25 15.41 24.60
CA ARG B 489 -39.84 15.38 24.21
C ARG B 489 -39.62 14.53 22.98
N VAL B 490 -40.24 13.35 22.92
CA VAL B 490 -40.11 12.50 21.73
C VAL B 490 -40.73 13.16 20.52
N ARG B 491 -41.90 13.79 20.68
CA ARG B 491 -42.55 14.46 19.56
C ARG B 491 -41.70 15.60 19.03
N GLU B 492 -41.05 16.36 19.90
CA GLU B 492 -40.11 17.38 19.46
C GLU B 492 -38.84 16.79 18.87
N GLU B 493 -38.47 15.57 19.26
CA GLU B 493 -37.25 14.95 18.77
C GLU B 493 -37.38 14.47 17.32
N CYS B 494 -38.53 13.89 16.96
CA CYS B 494 -38.68 13.35 15.62
C CYS B 494 -38.77 14.43 14.54
N THR B 495 -39.01 15.68 14.92
CA THR B 495 -39.00 16.77 13.96
C THR B 495 -37.59 17.17 13.53
N LEU B 496 -36.57 16.79 14.30
CA LEU B 496 -35.20 17.11 13.95
C LEU B 496 -34.74 16.24 12.78
N GLU B 497 -33.57 16.58 12.25
CA GLU B 497 -33.01 15.89 11.09
C GLU B 497 -31.91 14.93 11.54
N GLU B 498 -31.76 13.86 10.77
CA GLU B 498 -30.74 12.86 11.05
C GLU B 498 -29.36 13.48 10.91
N TYR B 499 -28.51 13.22 11.91
CA TYR B 499 -27.17 13.82 11.97
C TYR B 499 -26.26 13.11 10.99
N ASP B 500 -25.80 13.83 9.97
CA ASP B 500 -24.85 13.29 9.00
C ASP B 500 -23.42 13.67 9.42
N VAL B 501 -22.50 12.73 9.30
CA VAL B 501 -21.10 13.01 9.59
C VAL B 501 -20.34 13.42 8.36
N SER B 502 -20.88 13.13 7.17
CA SER B 502 -20.21 13.49 5.93
C SER B 502 -20.07 15.00 5.78
N GLY B 503 -21.08 15.77 6.23
CA GLY B 503 -20.97 17.21 6.15
C GLY B 503 -19.83 17.78 6.99
N ASP B 504 -19.70 17.31 8.23
CA ASP B 504 -18.62 17.78 9.09
C ASP B 504 -17.27 17.32 8.57
N TYR B 505 -17.19 16.08 8.09
CA TYR B 505 -15.95 15.60 7.47
C TYR B 505 -15.58 16.47 6.27
N ARG B 506 -16.57 16.82 5.44
CA ARG B 506 -16.32 17.66 4.27
C ARG B 506 -15.85 19.05 4.67
N GLU B 507 -16.45 19.63 5.72
CA GLU B 507 -16.01 20.95 6.16
C GLU B 507 -14.57 20.90 6.66
N MET B 508 -14.22 19.89 7.46
CA MET B 508 -12.85 19.78 7.94
C MET B 508 -11.88 19.52 6.80
N VAL B 509 -12.26 18.71 5.82
CA VAL B 509 -11.41 18.44 4.68
C VAL B 509 -11.20 19.72 3.86
N MET B 510 -12.26 20.52 3.70
CA MET B 510 -12.12 21.79 3.00
C MET B 510 -11.17 22.74 3.73
N GLN B 511 -11.27 22.79 5.06
CA GLN B 511 -10.35 23.63 5.82
C GLN B 511 -8.91 23.14 5.69
N PHE B 512 -8.70 21.82 5.74
CA PHE B 512 -7.37 21.27 5.55
C PHE B 512 -6.83 21.59 4.16
N GLY B 513 -7.69 21.53 3.15
CA GLY B 513 -7.27 21.89 1.80
C GLY B 513 -6.89 23.35 1.70
N TYR B 514 -7.66 24.22 2.33
CA TYR B 514 -7.26 25.63 2.43
C TYR B 514 -5.86 25.76 3.00
N VAL B 515 -5.61 25.10 4.13
CA VAL B 515 -4.31 25.20 4.78
C VAL B 515 -3.20 24.67 3.85
N ALA B 516 -3.45 23.53 3.21
CA ALA B 516 -2.40 22.87 2.44
C ALA B 516 -2.08 23.63 1.15
N MET B 517 -3.09 24.20 0.50
CA MET B 517 -2.90 24.79 -0.82
C MET B 517 -2.73 26.29 -0.83
N PHE B 518 -3.51 27.03 -0.03
CA PHE B 518 -3.58 28.48 -0.20
C PHE B 518 -3.13 29.26 1.03
N SER B 519 -2.70 28.60 2.10
CA SER B 519 -2.30 29.31 3.31
C SER B 519 -0.99 30.07 3.15
N VAL B 520 -0.25 29.86 2.05
CA VAL B 520 0.99 30.59 1.86
C VAL B 520 0.70 32.07 1.59
N ALA B 521 -0.38 32.38 0.90
CA ALA B 521 -0.73 33.78 0.65
C ALA B 521 -0.98 34.53 1.95
N TRP B 522 -1.68 33.92 2.89
CA TRP B 522 -1.89 34.49 4.22
C TRP B 522 -1.50 33.46 5.25
N PRO B 523 -0.25 33.50 5.75
CA PRO B 523 0.21 32.48 6.69
C PRO B 523 -0.56 32.44 7.99
N LEU B 524 -1.20 33.53 8.41
CA LEU B 524 -1.97 33.54 9.64
C LEU B 524 -3.26 32.74 9.57
N ALA B 525 -3.65 32.30 8.37
CA ALA B 525 -4.93 31.62 8.22
C ALA B 525 -5.04 30.40 9.12
N ALA B 526 -3.99 29.58 9.16
CA ALA B 526 -3.98 28.43 10.05
C ALA B 526 -4.30 28.82 11.48
N CYS B 527 -3.72 29.94 11.95
CA CYS B 527 -4.02 30.41 13.30
C CYS B 527 -5.53 30.54 13.49
N CYS B 528 -6.21 31.21 12.56
CA CYS B 528 -7.66 31.31 12.64
C CYS B 528 -8.30 29.94 12.62
N PHE B 529 -7.84 29.07 11.72
CA PHE B 529 -8.38 27.72 11.66
C PHE B 529 -8.10 26.93 12.92
N LEU B 530 -7.13 27.34 13.73
CA LEU B 530 -6.97 26.74 15.04
C LEU B 530 -8.13 27.13 15.95
N VAL B 531 -8.42 28.43 16.04
CA VAL B 531 -9.43 28.89 16.99
C VAL B 531 -10.79 28.31 16.66
N ASN B 532 -11.20 28.43 15.39
CA ASN B 532 -12.44 27.81 14.95
C ASN B 532 -12.49 26.34 15.33
N ASN B 533 -11.36 25.63 15.18
CA ASN B 533 -11.32 24.22 15.55
C ASN B 533 -11.72 24.02 17.00
N TRP B 534 -11.14 24.82 17.90
CA TRP B 534 -11.50 24.68 19.30
C TRP B 534 -12.98 24.94 19.51
N VAL B 535 -13.56 25.86 18.75
CA VAL B 535 -15.01 26.05 18.81
C VAL B 535 -15.72 24.87 18.18
N GLU B 536 -15.23 24.39 17.03
CA GLU B 536 -15.93 23.35 16.30
C GLU B 536 -16.05 22.08 17.14
N LEU B 537 -14.94 21.68 17.78
CA LEU B 537 -14.95 20.48 18.61
C LEU B 537 -16.03 20.55 19.68
N ARG B 538 -16.39 21.76 20.12
CA ARG B 538 -17.54 21.92 20.98
C ARG B 538 -18.81 22.13 20.17
N SER B 539 -18.76 23.03 19.17
CA SER B 539 -19.97 23.41 18.46
C SER B 539 -20.61 22.22 17.77
N ASP B 540 -19.82 21.44 17.03
CA ASP B 540 -20.32 20.23 16.42
C ASP B 540 -20.93 19.30 17.46
N ALA B 541 -20.30 19.20 18.63
CA ALA B 541 -20.88 18.42 19.72
C ALA B 541 -22.28 18.92 20.07
N LEU B 542 -22.42 20.24 20.20
CA LEU B 542 -23.74 20.81 20.45
C LEU B 542 -24.69 20.49 19.31
N LYS B 543 -24.18 20.42 18.08
CA LYS B 543 -25.04 20.06 16.95
C LYS B 543 -25.61 18.67 17.11
N ILE B 544 -24.92 17.78 17.83
CA ILE B 544 -25.47 16.46 18.13
C ILE B 544 -26.23 16.44 19.45
N ALA B 545 -26.09 17.47 20.27
CA ALA B 545 -26.70 17.46 21.60
C ALA B 545 -28.18 17.83 21.54
N ILE B 546 -28.49 18.97 20.95
CA ILE B 546 -29.86 19.48 20.95
C ILE B 546 -30.38 19.89 19.58
N SER B 547 -29.55 19.87 18.53
CA SER B 547 -29.96 20.33 17.21
C SER B 547 -30.20 19.19 16.24
N SER B 548 -30.02 17.94 16.67
CA SER B 548 -30.23 16.80 15.79
C SER B 548 -30.59 15.58 16.64
N ARG B 549 -31.21 14.61 15.97
CA ARG B 549 -31.57 13.35 16.61
C ARG B 549 -30.34 12.45 16.74
N ARG B 550 -30.43 11.49 17.65
CA ARG B 550 -29.29 10.62 17.93
C ARG B 550 -29.00 9.74 16.72
N PRO B 551 -27.77 9.75 16.21
CA PRO B 551 -27.44 8.94 15.04
C PRO B 551 -27.42 7.45 15.37
N ILE B 552 -27.66 6.65 14.34
CA ILE B 552 -27.57 5.19 14.48
C ILE B 552 -26.11 4.82 14.67
N PRO B 553 -25.76 4.06 15.70
CA PRO B 553 -24.35 3.70 15.91
C PRO B 553 -23.83 2.77 14.83
N TRP B 554 -22.97 3.29 13.96
CA TRP B 554 -22.39 2.52 12.87
C TRP B 554 -20.90 2.33 13.10
N ARG B 555 -20.46 1.07 13.07
CA ARG B 555 -19.04 0.76 13.17
C ARG B 555 -18.34 1.06 11.86
N THR B 556 -17.21 1.77 11.95
CA THR B 556 -16.39 2.06 10.79
C THR B 556 -14.94 1.81 11.13
N ASP B 557 -14.21 1.23 10.16
CA ASP B 557 -12.80 0.96 10.37
C ASP B 557 -12.00 2.26 10.39
N SER B 558 -12.29 3.18 9.49
CA SER B 558 -11.55 4.41 9.36
C SER B 558 -12.53 5.54 9.09
N ILE B 559 -12.01 6.72 8.71
CA ILE B 559 -12.87 7.83 8.33
C ILE B 559 -13.50 7.64 6.96
N GLY B 560 -13.08 6.62 6.22
CA GLY B 560 -13.67 6.31 4.93
C GLY B 560 -12.84 6.81 3.77
N PRO B 561 -13.52 7.23 2.70
CA PRO B 561 -12.81 7.73 1.52
C PRO B 561 -12.21 9.11 1.69
N TRP B 562 -12.37 9.74 2.86
CA TRP B 562 -11.80 11.07 3.10
C TRP B 562 -10.28 11.05 3.15
N LEU B 563 -9.67 9.88 3.39
CA LEU B 563 -8.21 9.79 3.35
C LEU B 563 -7.69 10.09 1.95
N THR B 564 -8.38 9.60 0.92
CA THR B 564 -7.99 9.91 -0.45
C THR B 564 -8.09 11.40 -0.72
N ALA B 565 -9.15 12.04 -0.22
CA ALA B 565 -9.29 13.49 -0.38
C ALA B 565 -8.16 14.23 0.33
N LEU B 566 -7.80 13.78 1.53
CA LEU B 566 -6.71 14.43 2.26
C LEU B 566 -5.38 14.28 1.51
N SER B 567 -5.10 13.10 0.98
CA SER B 567 -3.85 12.90 0.24
C SER B 567 -3.82 13.73 -1.04
N PHE B 568 -4.94 13.76 -1.76
CA PHE B 568 -5.01 14.57 -2.97
C PHE B 568 -4.83 16.05 -2.66
N LEU B 569 -5.46 16.53 -1.59
CA LEU B 569 -5.29 17.92 -1.20
C LEU B 569 -3.86 18.21 -0.77
N SER B 570 -3.21 17.28 -0.08
CA SER B 570 -1.81 17.49 0.31
C SER B 570 -0.90 17.61 -0.92
N TRP B 571 -1.08 16.71 -1.90
CA TRP B 571 -0.26 16.77 -3.10
C TRP B 571 -0.53 18.05 -3.90
N LEU B 572 -1.81 18.39 -4.10
CA LEU B 572 -2.14 19.60 -4.81
C LEU B 572 -1.65 20.84 -4.08
N GLY B 573 -1.65 20.82 -2.75
CA GLY B 573 -1.08 21.92 -2.01
C GLY B 573 0.42 22.01 -2.16
N SER B 574 1.11 20.87 -2.19
CA SER B 574 2.54 20.88 -2.45
C SER B 574 2.86 21.54 -3.78
N ILE B 575 2.06 21.28 -4.81
CA ILE B 575 2.27 21.95 -6.09
C ILE B 575 1.88 23.43 -6.00
N THR B 576 0.70 23.72 -5.45
CA THR B 576 0.11 25.05 -5.50
C THR B 576 0.88 26.05 -4.66
N SER B 577 1.42 25.64 -3.52
CA SER B 577 2.17 26.55 -2.68
C SER B 577 3.39 27.10 -3.41
N SER B 578 4.17 26.21 -4.03
CA SER B 578 5.32 26.64 -4.80
C SER B 578 4.91 27.47 -6.01
N ALA B 579 3.83 27.08 -6.70
CA ALA B 579 3.37 27.85 -7.84
C ALA B 579 3.01 29.28 -7.43
N ILE B 580 2.27 29.42 -6.32
CA ILE B 580 1.87 30.73 -5.85
C ILE B 580 3.09 31.54 -5.41
N VAL B 581 4.03 30.90 -4.71
CA VAL B 581 5.22 31.62 -4.26
C VAL B 581 5.97 32.19 -5.45
N TYR B 582 6.20 31.35 -6.48
CA TYR B 582 6.93 31.83 -7.65
C TYR B 582 6.16 32.92 -8.39
N LEU B 583 4.84 32.74 -8.56
CA LEU B 583 4.06 33.69 -9.34
C LEU B 583 3.85 35.01 -8.63
N CYS B 584 3.88 35.04 -7.30
CA CYS B 584 3.67 36.27 -6.55
C CYS B 584 4.96 36.94 -6.10
N SER B 585 6.08 36.21 -6.07
CA SER B 585 7.36 36.80 -5.73
C SER B 585 8.08 37.41 -6.93
N ASN B 586 7.50 37.30 -8.12
CA ASN B 586 8.12 37.84 -9.32
C ASN B 586 7.19 38.82 -10.03
N ALA B 600 9.25 32.00 -16.71
CA ALA B 600 8.42 30.90 -17.20
C ALA B 600 9.09 29.56 -16.92
N TRP B 601 10.43 29.54 -17.00
CA TRP B 601 11.19 28.33 -16.74
C TRP B 601 11.33 28.04 -15.26
N GLY B 602 11.44 29.07 -14.43
CA GLY B 602 11.60 28.88 -13.00
C GLY B 602 10.37 28.32 -12.32
N LEU B 603 9.18 28.59 -12.86
CA LEU B 603 7.95 28.06 -12.27
C LEU B 603 7.93 26.53 -12.32
N LEU B 604 8.29 25.97 -13.48
CA LEU B 604 8.32 24.51 -13.60
C LEU B 604 9.39 23.90 -12.71
N LEU B 605 10.55 24.55 -12.60
CA LEU B 605 11.60 24.05 -11.71
C LEU B 605 11.14 24.06 -10.25
N SER B 606 10.47 25.13 -9.83
CA SER B 606 9.97 25.20 -8.46
C SER B 606 8.90 24.13 -8.23
N ILE B 607 8.02 23.91 -9.20
CA ILE B 607 6.99 22.88 -9.07
C ILE B 607 7.63 21.51 -8.95
N LEU B 608 8.63 21.22 -9.80
CA LEU B 608 9.37 19.96 -9.70
C LEU B 608 10.00 19.79 -8.32
N PHE B 609 10.69 20.82 -7.84
CA PHE B 609 11.37 20.70 -6.56
C PHE B 609 10.38 20.45 -5.43
N ALA B 610 9.26 21.20 -5.42
CA ALA B 610 8.28 21.04 -4.36
C ALA B 610 7.61 19.67 -4.41
N GLU B 611 7.21 19.21 -5.61
CA GLU B 611 6.54 17.91 -5.70
C GLU B 611 7.49 16.78 -5.33
N HIS B 612 8.74 16.85 -5.80
CA HIS B 612 9.69 15.80 -5.46
C HIS B 612 10.05 15.82 -3.98
N PHE B 613 10.14 17.01 -3.37
CA PHE B 613 10.33 17.10 -1.93
C PHE B 613 9.15 16.50 -1.19
N TYR B 614 7.94 16.75 -1.68
CA TYR B 614 6.75 16.16 -1.07
C TYR B 614 6.81 14.64 -1.12
N LEU B 615 7.18 14.08 -2.28
CA LEU B 615 7.29 12.62 -2.39
C LEU B 615 8.38 12.08 -1.49
N VAL B 616 9.52 12.77 -1.42
CA VAL B 616 10.63 12.30 -0.60
C VAL B 616 10.25 12.30 0.87
N VAL B 617 9.64 13.39 1.35
CA VAL B 617 9.23 13.42 2.75
C VAL B 617 8.09 12.45 3.01
N GLN B 618 7.24 12.18 2.02
CA GLN B 618 6.23 11.15 2.19
C GLN B 618 6.86 9.78 2.43
N LEU B 619 7.84 9.42 1.61
CA LEU B 619 8.54 8.15 1.79
C LEU B 619 9.26 8.12 3.12
N ALA B 620 9.93 9.22 3.49
CA ALA B 620 10.68 9.26 4.74
C ALA B 620 9.76 9.12 5.95
N VAL B 621 8.63 9.81 5.95
CA VAL B 621 7.71 9.73 7.08
C VAL B 621 7.06 8.35 7.15
N ARG B 622 6.71 7.77 6.00
CA ARG B 622 6.17 6.42 6.01
C ARG B 622 7.18 5.42 6.58
N PHE B 623 8.44 5.54 6.17
CA PHE B 623 9.47 4.65 6.71
C PHE B 623 9.66 4.86 8.22
N VAL B 624 9.66 6.11 8.66
CA VAL B 624 9.86 6.40 10.07
C VAL B 624 8.72 5.82 10.91
N LEU B 625 7.48 6.01 10.45
CA LEU B 625 6.34 5.48 11.20
C LEU B 625 6.27 3.96 11.14
N SER B 626 6.71 3.34 10.03
CA SER B 626 6.81 1.89 10.01
C SER B 626 7.90 1.39 10.94
N LYS B 627 8.93 2.21 11.17
CA LYS B 627 10.01 1.88 12.09
C LYS B 627 9.61 2.14 13.54
N LEU B 628 8.50 2.82 13.77
CA LEU B 628 8.03 3.11 15.12
C LEU B 628 6.73 2.37 15.41
N PRO B 631 1.62 0.72 19.45
CA PRO B 631 0.74 0.41 20.59
C PRO B 631 -0.25 -0.69 20.28
N GLY B 632 -1.15 -0.44 19.32
CA GLY B 632 -2.11 -1.46 18.94
C GLY B 632 -1.48 -2.69 18.33
N LEU B 633 -0.40 -2.51 17.56
CA LEU B 633 0.30 -3.64 17.00
C LEU B 633 0.90 -4.53 18.08
N GLN B 634 1.42 -3.93 19.15
CA GLN B 634 1.94 -4.71 20.27
C GLN B 634 0.83 -5.54 20.92
N LYS B 635 -0.35 -4.95 21.11
CA LYS B 635 -1.47 -5.69 21.67
C LYS B 635 -1.91 -6.83 20.76
N GLU B 636 -1.95 -6.58 19.44
CA GLU B 636 -2.32 -7.63 18.50
C GLU B 636 -1.29 -8.77 18.53
N ARG B 637 0.00 -8.43 18.60
CA ARG B 637 1.04 -9.45 18.69
C ARG B 637 0.92 -10.24 19.99
N LYS B 638 0.62 -9.57 21.11
CA LYS B 638 0.46 -10.28 22.37
C LYS B 638 -0.74 -11.22 22.32
N GLU B 639 -1.85 -10.77 21.72
CA GLU B 639 -3.01 -11.65 21.56
C GLU B 639 -2.69 -12.84 20.66
N ARG B 640 -1.94 -12.61 19.59
CA ARG B 640 -1.53 -13.71 18.73
C ARG B 640 -0.64 -14.70 19.48
N PHE B 641 0.27 -14.20 20.31
CA PHE B 641 1.13 -15.07 21.11
C PHE B 641 0.30 -15.89 22.10
N GLN B 642 -0.68 -15.25 22.73
CA GLN B 642 -1.55 -15.97 23.66
C GLN B 642 -2.34 -17.06 22.95
N THR B 643 -2.89 -16.75 21.77
CA THR B 643 -3.59 -17.76 20.99
C THR B 643 -2.65 -18.87 20.55
N LYS B 644 -1.40 -18.54 20.23
CA LYS B 644 -0.41 -19.55 19.88
C LYS B 644 -0.16 -20.50 21.03
N LYS B 645 0.01 -19.95 22.25
CA LYS B 645 0.23 -20.79 23.41
C LYS B 645 -1.00 -21.62 23.77
N ARG B 646 -2.20 -21.08 23.56
CA ARG B 646 -3.43 -21.82 23.84
C ARG B 646 -3.78 -22.82 22.74
N LEU B 647 -3.17 -22.72 21.56
CA LEU B 647 -3.48 -23.65 20.48
C LEU B 647 -2.90 -25.03 20.72
N LEU B 648 -1.67 -25.10 21.22
CA LEU B 648 -1.02 -26.38 21.47
C LEU B 648 -1.12 -26.77 22.94
N THR B 690 20.25 -55.82 -2.98
CA THR B 690 20.09 -54.43 -3.39
C THR B 690 21.16 -53.54 -2.74
N PRO B 691 21.77 -52.66 -3.54
CA PRO B 691 22.79 -51.76 -2.99
C PRO B 691 22.17 -50.58 -2.25
N GLU B 692 20.92 -50.26 -2.58
CA GLU B 692 20.25 -49.14 -1.92
C GLU B 692 20.13 -49.37 -0.42
N GLU B 693 19.62 -50.54 -0.02
CA GLU B 693 19.52 -50.85 1.40
C GLU B 693 20.87 -51.20 2.01
N MET B 694 21.79 -51.75 1.21
CA MET B 694 23.11 -52.09 1.72
C MET B 694 23.96 -50.86 2.02
N PHE B 695 23.66 -49.72 1.39
CA PHE B 695 24.43 -48.51 1.64
C PHE B 695 24.27 -48.04 3.08
N TRP B 696 23.05 -48.10 3.62
CA TRP B 696 22.77 -47.63 4.97
C TRP B 696 22.87 -48.73 6.01
N GLN B 697 23.20 -49.96 5.60
CA GLN B 697 23.35 -51.07 6.52
C GLN B 697 24.79 -51.27 6.98
N ARG B 698 25.76 -50.61 6.34
CA ARG B 698 27.16 -50.80 6.71
C ARG B 698 27.42 -50.34 8.15
N GLN B 699 26.89 -49.18 8.52
CA GLN B 699 27.01 -48.65 9.87
C GLN B 699 25.60 -48.39 10.39
N ARG B 700 24.99 -49.42 10.96
CA ARG B 700 23.61 -49.31 11.42
C ARG B 700 23.50 -48.40 12.64
N GLY B 701 24.38 -48.59 13.62
CA GLY B 701 24.30 -47.83 14.85
C GLY B 701 25.06 -46.53 14.81
N MET B 702 25.33 -45.96 15.98
CA MET B 702 26.06 -44.71 16.12
C MET B 702 27.51 -44.90 16.55
N GLN B 703 27.77 -45.84 17.47
CA GLN B 703 29.14 -46.12 17.87
C GLN B 703 29.95 -46.68 16.71
N GLU B 704 29.34 -47.55 15.89
CA GLU B 704 30.03 -48.06 14.71
C GLU B 704 30.35 -46.93 13.73
N THR B 705 29.43 -45.98 13.58
CA THR B 705 29.70 -44.82 12.73
C THR B 705 30.87 -44.00 13.27
N ILE B 706 30.93 -43.84 14.59
CA ILE B 706 32.03 -43.09 15.21
C ILE B 706 33.35 -43.81 14.96
N GLU B 707 33.36 -45.14 15.14
CA GLU B 707 34.59 -45.90 14.92
C GLU B 707 35.03 -45.83 13.47
N ILE B 708 34.08 -45.92 12.53
CA ILE B 708 34.42 -45.84 11.11
C ILE B 708 34.95 -44.45 10.78
N GLY B 709 34.35 -43.40 11.32
CA GLY B 709 34.84 -42.06 11.09
C GLY B 709 36.24 -41.86 11.63
N ARG B 710 36.52 -42.40 12.82
CA ARG B 710 37.88 -42.33 13.36
C ARG B 710 38.86 -43.10 12.49
N ARG B 711 38.46 -44.27 11.98
CA ARG B 711 39.34 -45.04 11.10
C ARG B 711 39.66 -44.28 9.82
N MET B 712 38.65 -43.64 9.22
CA MET B 712 38.90 -42.84 8.01
C MET B 712 39.72 -41.60 8.34
N ILE B 713 39.57 -41.05 9.55
CA ILE B 713 40.42 -39.94 9.97
C ILE B 713 41.87 -40.38 10.01
N GLU B 714 42.13 -41.57 10.58
CA GLU B 714 43.49 -42.09 10.63
C GLU B 714 44.03 -42.45 9.25
N GLN B 715 43.15 -42.64 8.26
CA GLN B 715 43.57 -43.00 6.91
C GLN B 715 43.97 -41.80 6.07
N GLN B 716 43.69 -40.59 6.53
CA GLN B 716 44.02 -39.39 5.76
C GLN B 716 45.35 -38.80 6.20
CA CA C . 20.87 -15.14 -15.30
CA CA D . 22.30 -14.21 -19.17
C01 PGW E . 8.96 4.17 -5.55
C1 PGW E . 12.12 4.07 -3.67
O01 PGW E . 10.91 4.57 -4.19
C02 PGW E . 9.96 3.58 -4.55
C2 PGW E . 13.10 5.01 -2.93
O02 PGW E . 12.40 2.92 -3.80
C03 PGW E . 9.21 3.11 -3.32
C3 PGW E . 13.50 6.17 -3.86
O03 PGW E . 8.67 5.48 -5.17
C4 PGW E . 14.56 7.05 -3.15
O04 PGW E . 8.18 6.66 -7.01
C5 PGW E . 14.86 8.28 -4.02
O11 PGW E . 7.96 2.65 -3.68
C19 PGW E . 8.96 6.42 -6.16
C20 PGW E . 10.31 7.14 -6.14
C21 PGW E . 10.10 8.65 -6.01
C22 PGW E . 11.32 9.27 -5.33
C23 PGW E . 11.20 10.79 -5.34
C24 PGW E . 12.58 11.41 -5.59
P PGW F . 11.33 -3.48 1.08
C01 PGW F . 14.88 -0.40 0.78
C1 PGW F . 15.87 -1.89 -2.07
O01 PGW F . 15.67 -2.13 -0.68
C02 PGW F . 14.50 -1.55 -0.14
C2 PGW F . 16.27 -0.47 -2.56
O02 PGW F . 15.73 -2.77 -2.85
C03 PGW F . 13.73 -2.59 0.64
C3 PGW F . 16.10 -0.38 -4.09
O03 PGW F . 14.54 0.82 0.18
C4 PGW F . 15.89 1.08 -4.49
C5 PGW F . 17.18 1.88 -4.28
C06 PGW F . 21.92 5.66 -7.35
C6 PGW F . 16.86 3.38 -4.28
C7 PGW F . 18.15 4.19 -4.46
C8 PGW F . 18.65 4.07 -5.92
C9 PGW F . 20.04 4.69 -6.04
C10 PGW F . 20.52 5.03 -7.24
O11 PGW F . 12.43 -2.64 0.20
O12 PGW F . 10.45 -2.44 1.97
O13 PGW F . 12.06 -4.44 1.99
O14 PGW F . 10.41 -4.23 0.15
CA CA G . -18.80 21.23 11.64
CA CA H . -18.07 25.40 11.53
C01 PGW I . -3.29 10.17 -3.89
C1 PGW I . -5.99 10.78 -6.04
O01 PGW I . -4.83 10.01 -5.73
C02 PGW I . -4.68 9.71 -4.36
C2 PGW I . -6.03 11.64 -7.33
O02 PGW I . -6.92 10.75 -5.32
C03 PGW I . -4.80 8.21 -4.17
C3 PGW I . -6.92 10.96 -8.38
O03 PGW I . -2.41 10.15 -4.98
C4 PGW I . -6.62 11.54 -9.77
O04 PGW I . -1.52 12.18 -4.67
C5 PGW I . -6.64 13.08 -9.72
O11 PGW I . -3.97 7.80 -3.15
C19 PGW I . -2.04 11.42 -5.42
C20 PGW I . -2.30 11.84 -6.87
C21 PGW I . -0.99 12.18 -7.56
C22 PGW I . -1.06 11.74 -9.02
C23 PGW I . -2.18 12.52 -9.74
C24 PGW I . -1.57 13.28 -10.93
P PGW J . -11.66 5.03 -1.87
C01 PGW J . -12.62 7.99 -5.30
C1 PGW J . -12.75 10.59 -3.20
O01 PGW J . -13.36 9.34 -3.46
C02 PGW J . -12.47 8.31 -3.82
C2 PGW J . -12.27 11.47 -4.38
O02 PGW J . -12.60 10.97 -2.08
C03 PGW J . -12.79 7.06 -3.01
C3 PGW J . -11.11 12.38 -3.92
O03 PGW J . -11.36 7.90 -5.90
C4 PGW J . -10.19 12.70 -5.12
C5 PGW J . -10.94 13.61 -6.10
C06 PGW J . -11.82 19.34 -9.67
C6 PGW J . -10.16 13.65 -7.43
C7 PGW J . -10.82 14.67 -8.38
C8 PGW J . -10.54 16.12 -7.89
C9 PGW J . -11.37 17.10 -8.72
C10 PGW J . -10.99 18.36 -8.84
O11 PGW J . -11.61 6.52 -2.53
O12 PGW J . -11.01 3.95 -2.91
O13 PGW J . -13.09 4.65 -1.57
O14 PGW J . -10.86 5.02 -0.59
#